data_2N52
#
_entry.id   2N52
#
_entity_poly.entity_id   1
_entity_poly.type   'polypeptide(L)'
_entity_poly.pdbx_seq_one_letter_code
;VFSQGGQVDCGEFQDTKVYCTRESNPHCGSDGQTYGNKCAFCKAIVKSGGKISLKHPGKC
;
_entity_poly.pdbx_strand_id   A
#
# COMPACT_ATOMS: atom_id res chain seq x y z
N GLN A 4 8.98 -0.32 -11.17
CA GLN A 4 9.99 0.74 -11.12
C GLN A 4 10.04 1.48 -12.45
N GLY A 5 8.91 1.56 -13.13
CA GLY A 5 8.88 2.17 -14.44
C GLY A 5 8.39 1.18 -15.47
N GLY A 6 7.37 0.45 -15.12
CA GLY A 6 6.82 -0.55 -16.00
C GLY A 6 6.26 -1.69 -15.24
N GLN A 7 5.47 -1.33 -14.32
CA GLN A 7 4.78 -2.13 -13.45
C GLN A 7 3.55 -1.30 -13.15
N VAL A 8 2.65 -1.80 -12.34
CA VAL A 8 1.49 -1.04 -11.84
C VAL A 8 2.01 0.04 -10.78
N ASP A 9 3.04 0.74 -11.19
CA ASP A 9 3.77 1.63 -10.33
C ASP A 9 2.93 2.79 -9.90
N CYS A 10 2.36 2.66 -8.71
CA CYS A 10 1.70 3.79 -8.04
C CYS A 10 2.64 4.99 -8.05
N GLY A 11 2.37 5.93 -8.98
CA GLY A 11 3.22 7.11 -9.26
C GLY A 11 3.32 8.11 -8.13
N GLU A 12 2.80 7.75 -6.99
CA GLU A 12 2.91 8.51 -5.81
C GLU A 12 4.34 8.22 -5.31
N PHE A 13 4.65 6.91 -5.35
CA PHE A 13 6.02 6.31 -5.36
C PHE A 13 7.01 6.95 -4.40
N GLN A 14 6.55 7.13 -3.25
CA GLN A 14 7.38 7.62 -2.14
C GLN A 14 8.41 6.63 -1.69
N ASP A 15 8.22 5.49 -2.17
CA ASP A 15 9.03 4.42 -1.98
C ASP A 15 9.05 3.65 -3.28
N THR A 16 9.69 2.58 -3.29
CA THR A 16 9.87 1.80 -4.49
C THR A 16 8.88 0.62 -4.54
N LYS A 17 8.47 0.17 -3.38
CA LYS A 17 7.57 -0.95 -3.24
C LYS A 17 6.10 -0.52 -3.35
N VAL A 18 5.87 0.64 -3.91
CA VAL A 18 4.55 1.17 -4.01
C VAL A 18 3.93 0.78 -5.36
N TYR A 19 3.34 -0.38 -5.38
CA TYR A 19 2.66 -0.91 -6.54
C TYR A 19 1.33 -1.44 -6.03
N CYS A 20 0.31 -1.40 -6.84
CA CYS A 20 -0.95 -1.82 -6.34
C CYS A 20 -1.55 -3.04 -6.99
N THR A 21 -2.70 -3.38 -6.48
CA THR A 21 -3.44 -4.50 -6.90
C THR A 21 -4.48 -4.18 -7.90
N ARG A 22 -4.76 -5.17 -8.68
CA ARG A 22 -5.89 -5.09 -9.56
C ARG A 22 -7.06 -5.77 -8.86
N GLU A 23 -6.71 -6.49 -7.78
CA GLU A 23 -7.66 -7.23 -6.96
C GLU A 23 -7.90 -6.50 -5.67
N SER A 24 -8.82 -7.01 -4.89
CA SER A 24 -9.07 -6.44 -3.62
C SER A 24 -8.36 -7.21 -2.54
N ASN A 25 -7.20 -6.77 -2.33
CA ASN A 25 -6.29 -7.35 -1.37
C ASN A 25 -6.12 -6.36 -0.23
N PRO A 26 -6.85 -6.52 0.86
CA PRO A 26 -6.82 -5.57 1.96
C PRO A 26 -5.48 -5.58 2.71
N HIS A 27 -5.17 -4.48 3.32
CA HIS A 27 -3.92 -4.25 4.00
C HIS A 27 -4.18 -3.34 5.13
N CYS A 28 -3.74 -3.74 6.23
CA CYS A 28 -3.78 -2.92 7.37
C CYS A 28 -2.39 -2.45 7.55
N GLY A 29 -2.16 -1.22 7.20
CA GLY A 29 -0.85 -0.73 7.18
C GLY A 29 -0.36 -0.46 8.53
N SER A 30 0.91 -0.38 8.66
CA SER A 30 1.53 -0.02 9.91
C SER A 30 1.21 1.47 10.26
N ASP A 31 0.52 2.16 9.32
CA ASP A 31 0.00 3.54 9.50
C ASP A 31 -1.18 3.45 10.42
N GLY A 32 -1.55 2.24 10.69
CA GLY A 32 -2.61 1.98 11.56
C GLY A 32 -3.80 1.63 10.77
N GLN A 33 -3.89 2.26 9.64
CA GLN A 33 -5.07 2.18 8.82
C GLN A 33 -5.22 0.96 8.00
N THR A 34 -6.44 0.68 7.70
CA THR A 34 -6.79 -0.43 6.85
C THR A 34 -7.31 0.05 5.52
N TYR A 35 -6.78 -0.50 4.48
CA TYR A 35 -7.15 -0.16 3.16
C TYR A 35 -7.67 -1.38 2.45
N GLY A 36 -8.73 -1.17 1.72
CA GLY A 36 -9.45 -2.22 0.98
C GLY A 36 -8.60 -3.01 0.01
N ASN A 37 -7.65 -2.36 -0.62
CA ASN A 37 -6.76 -3.04 -1.52
C ASN A 37 -5.41 -2.38 -1.47
N LYS A 38 -4.44 -2.90 -2.21
CA LYS A 38 -3.08 -2.38 -2.10
C LYS A 38 -2.96 -1.06 -2.77
N CYS A 39 -3.73 -0.89 -3.74
CA CYS A 39 -3.86 0.40 -4.45
C CYS A 39 -4.33 1.48 -3.52
N ALA A 40 -5.21 1.10 -2.69
CA ALA A 40 -5.76 1.93 -1.65
C ALA A 40 -4.67 2.20 -0.61
N PHE A 41 -3.82 1.23 -0.45
CA PHE A 41 -2.69 1.31 0.44
C PHE A 41 -1.49 2.09 -0.16
N CYS A 42 -1.45 2.31 -1.49
CA CYS A 42 -0.33 3.04 -2.13
C CYS A 42 -0.14 4.42 -1.58
N LYS A 43 -1.18 5.19 -1.56
CA LYS A 43 -1.15 6.57 -1.13
C LYS A 43 -0.95 6.66 0.31
N ALA A 44 -1.34 5.67 0.88
CA ALA A 44 -1.19 5.43 2.26
C ALA A 44 0.21 5.05 2.61
N ILE A 45 0.95 4.49 1.69
CA ILE A 45 2.36 4.25 1.94
C ILE A 45 3.01 5.58 1.87
N VAL A 46 2.54 6.26 0.93
CA VAL A 46 2.84 7.64 0.65
C VAL A 46 2.51 8.52 1.86
N LYS A 47 1.49 8.09 2.65
CA LYS A 47 1.06 8.78 3.87
C LYS A 47 2.18 9.13 4.80
N SER A 48 3.06 8.22 4.97
CA SER A 48 4.17 8.45 5.84
C SER A 48 5.50 7.98 5.20
N GLY A 49 5.82 8.60 4.09
CA GLY A 49 7.11 8.50 3.52
C GLY A 49 7.41 7.33 2.66
N GLY A 50 6.49 6.48 2.47
CA GLY A 50 6.77 5.32 1.69
C GLY A 50 7.29 4.18 2.54
N LYS A 51 7.76 4.55 3.68
CA LYS A 51 8.41 3.70 4.62
C LYS A 51 7.46 2.83 5.41
N ILE A 52 6.20 3.11 5.32
CA ILE A 52 5.20 2.30 5.99
C ILE A 52 5.22 0.87 5.46
N SER A 53 4.88 -0.03 6.31
CA SER A 53 4.86 -1.40 5.99
C SER A 53 3.48 -1.91 6.35
N LEU A 54 3.24 -3.15 6.16
CA LEU A 54 2.07 -3.70 6.45
C LEU A 54 2.05 -4.44 7.77
N LYS A 55 0.95 -4.33 8.48
CA LYS A 55 0.73 -5.20 9.59
C LYS A 55 0.09 -6.46 9.11
N HIS A 56 -1.01 -6.27 8.45
CA HIS A 56 -1.90 -7.38 8.15
C HIS A 56 -2.32 -7.42 6.73
N PRO A 57 -2.26 -8.59 6.10
CA PRO A 57 -2.96 -8.81 4.86
C PRO A 57 -4.42 -9.01 5.26
N GLY A 58 -5.22 -8.07 4.95
CA GLY A 58 -6.55 -8.03 5.47
C GLY A 58 -6.67 -6.79 6.33
N LYS A 59 -7.77 -6.62 6.98
CA LYS A 59 -7.95 -5.53 7.85
C LYS A 59 -7.31 -5.81 9.20
N CYS A 60 -7.33 -4.82 10.01
CA CYS A 60 -7.05 -5.03 11.41
C CYS A 60 -8.37 -5.38 12.08
N GLN A 4 4.76 -3.67 -6.45
CA GLN A 4 6.07 -3.57 -7.07
C GLN A 4 6.24 -4.65 -8.14
N GLY A 5 6.89 -4.32 -9.25
CA GLY A 5 7.21 -5.33 -10.24
C GLY A 5 6.39 -5.26 -11.52
N GLY A 6 7.04 -4.81 -12.59
CA GLY A 6 6.44 -4.84 -13.91
C GLY A 6 5.61 -3.62 -14.22
N GLN A 7 4.32 -3.73 -13.99
CA GLN A 7 3.38 -2.67 -14.25
C GLN A 7 3.53 -1.55 -13.23
N VAL A 8 2.82 -0.47 -13.43
CA VAL A 8 2.84 0.63 -12.47
C VAL A 8 1.97 0.25 -11.28
N ASP A 9 2.55 -0.56 -10.49
CA ASP A 9 2.03 -1.12 -9.29
C ASP A 9 3.07 -0.86 -8.27
N CYS A 10 3.02 0.37 -7.75
CA CYS A 10 3.98 0.93 -6.79
C CYS A 10 5.44 0.52 -6.99
N GLY A 11 6.12 1.24 -7.85
CA GLY A 11 7.46 0.90 -8.17
C GLY A 11 8.45 1.76 -7.45
N GLU A 12 8.09 3.00 -7.28
CA GLU A 12 8.91 3.95 -6.67
C GLU A 12 8.82 3.76 -5.17
N PHE A 13 7.59 3.51 -4.72
CA PHE A 13 7.24 3.08 -3.38
C PHE A 13 7.50 4.11 -2.27
N GLN A 14 8.07 5.16 -2.64
CA GLN A 14 8.39 6.26 -1.77
C GLN A 14 8.02 7.57 -2.40
N ASP A 15 7.50 7.45 -3.56
CA ASP A 15 7.16 8.61 -4.39
C ASP A 15 5.84 9.21 -3.89
N THR A 16 5.15 9.77 -4.73
CA THR A 16 3.92 10.42 -4.44
C THR A 16 2.84 10.12 -5.50
N LYS A 17 3.25 10.09 -6.75
CA LYS A 17 2.35 9.90 -7.90
C LYS A 17 1.97 8.42 -8.06
N VAL A 18 2.51 7.63 -7.17
CA VAL A 18 2.39 6.21 -7.14
C VAL A 18 0.97 5.73 -7.20
N TYR A 19 0.69 5.06 -8.26
CA TYR A 19 -0.53 4.41 -8.53
C TYR A 19 -0.60 3.15 -7.69
N CYS A 20 -1.69 2.52 -7.73
CA CYS A 20 -1.91 1.44 -6.84
C CYS A 20 -1.68 0.08 -7.48
N THR A 21 -1.88 -0.93 -6.70
CA THR A 21 -1.62 -2.28 -7.07
C THR A 21 -2.65 -2.90 -7.92
N ARG A 22 -2.29 -4.08 -8.29
CA ARG A 22 -3.11 -4.99 -9.02
C ARG A 22 -3.99 -5.79 -8.02
N GLU A 23 -3.76 -5.59 -6.73
CA GLU A 23 -4.47 -6.31 -5.68
C GLU A 23 -5.64 -5.50 -5.07
N SER A 24 -6.71 -6.22 -4.78
CA SER A 24 -7.91 -5.69 -4.14
C SER A 24 -7.95 -6.26 -2.71
N ASN A 25 -6.82 -6.67 -2.33
CA ASN A 25 -6.51 -7.36 -1.06
C ASN A 25 -6.46 -6.38 0.14
N PRO A 26 -7.42 -6.43 1.09
CA PRO A 26 -7.43 -5.52 2.27
C PRO A 26 -6.25 -5.78 3.21
N HIS A 27 -5.76 -4.76 3.92
CA HIS A 27 -4.54 -4.83 4.73
C HIS A 27 -4.63 -3.84 5.85
N CYS A 28 -4.34 -4.32 6.99
CA CYS A 28 -4.22 -3.54 8.17
C CYS A 28 -2.76 -3.34 8.38
N GLY A 29 -2.32 -2.15 8.16
CA GLY A 29 -0.94 -1.89 8.20
C GLY A 29 -0.44 -1.87 9.58
N SER A 30 0.79 -2.21 9.72
CA SER A 30 1.50 -2.23 10.99
C SER A 30 1.49 -0.82 11.61
N ASP A 31 1.36 0.16 10.71
CA ASP A 31 1.31 1.60 10.99
C ASP A 31 -0.04 1.95 11.57
N GLY A 32 -0.84 0.92 11.75
CA GLY A 32 -2.12 1.07 12.33
C GLY A 32 -3.13 1.21 11.26
N GLN A 33 -2.69 1.78 10.20
CA GLN A 33 -3.52 2.13 9.12
C GLN A 33 -3.99 1.04 8.29
N THR A 34 -5.24 1.02 8.13
CA THR A 34 -5.89 0.02 7.35
C THR A 34 -6.34 0.64 6.07
N TYR A 35 -6.05 -0.02 5.01
CA TYR A 35 -6.49 0.41 3.76
C TYR A 35 -7.35 -0.67 3.17
N GLY A 36 -8.38 -0.24 2.47
CA GLY A 36 -9.41 -1.12 1.91
C GLY A 36 -8.86 -2.22 1.05
N ASN A 37 -7.79 -1.93 0.37
CA ASN A 37 -7.14 -2.90 -0.47
C ASN A 37 -5.70 -2.53 -0.61
N LYS A 38 -4.96 -3.40 -1.26
CA LYS A 38 -3.53 -3.27 -1.43
C LYS A 38 -3.20 -2.10 -2.28
N CYS A 39 -4.03 -1.87 -3.15
CA CYS A 39 -4.08 -0.72 -4.00
C CYS A 39 -3.98 0.54 -3.15
N ALA A 40 -4.82 0.64 -2.20
CA ALA A 40 -4.89 1.76 -1.32
C ALA A 40 -3.67 1.76 -0.43
N PHE A 41 -3.33 0.57 0.00
CA PHE A 41 -2.27 0.31 0.95
C PHE A 41 -0.89 0.59 0.40
N CYS A 42 -0.58 0.14 -0.79
CA CYS A 42 0.79 0.24 -1.25
C CYS A 42 1.19 1.64 -1.52
N LYS A 43 0.32 2.44 -2.05
CA LYS A 43 0.67 3.74 -2.42
C LYS A 43 0.57 4.66 -1.26
N ALA A 44 0.04 4.12 -0.25
CA ALA A 44 -0.02 4.73 1.03
C ALA A 44 1.20 4.41 1.82
N ILE A 45 1.84 3.25 1.55
CA ILE A 45 3.09 2.93 2.22
C ILE A 45 4.05 4.00 1.86
N VAL A 46 3.98 4.24 0.62
CA VAL A 46 4.65 5.28 -0.08
C VAL A 46 4.39 6.64 0.56
N LYS A 47 3.23 6.80 1.13
CA LYS A 47 2.85 8.04 1.75
C LYS A 47 3.27 8.15 3.18
N SER A 48 3.11 7.10 3.90
CA SER A 48 3.45 7.07 5.30
C SER A 48 4.97 7.00 5.50
N GLY A 49 5.70 6.67 4.44
CA GLY A 49 7.10 6.68 4.51
C GLY A 49 7.75 5.35 4.41
N GLY A 50 7.02 4.40 3.92
CA GLY A 50 7.54 3.05 3.88
C GLY A 50 7.41 2.40 5.22
N LYS A 51 6.96 3.19 6.22
CA LYS A 51 6.73 2.71 7.57
C LYS A 51 5.72 1.61 7.66
N ILE A 52 4.84 1.54 6.73
CA ILE A 52 3.82 0.55 6.82
C ILE A 52 4.28 -0.80 6.27
N SER A 53 4.02 -1.77 7.03
CA SER A 53 4.14 -3.15 6.72
C SER A 53 2.80 -3.72 7.09
N LEU A 54 2.59 -4.96 6.94
CA LEU A 54 1.40 -5.48 7.25
C LEU A 54 1.28 -6.15 8.61
N LYS A 55 0.14 -5.93 9.24
CA LYS A 55 -0.25 -6.75 10.38
C LYS A 55 -0.98 -7.93 9.86
N HIS A 56 -2.01 -7.61 9.15
CA HIS A 56 -2.99 -8.61 8.79
C HIS A 56 -3.71 -8.23 7.49
N PRO A 57 -3.98 -9.22 6.61
CA PRO A 57 -4.83 -9.00 5.45
C PRO A 57 -6.27 -8.86 5.91
N GLY A 58 -6.78 -7.68 5.81
CA GLY A 58 -8.08 -7.38 6.31
C GLY A 58 -7.96 -6.28 7.32
N LYS A 59 -9.05 -5.62 7.60
CA LYS A 59 -9.09 -4.60 8.59
C LYS A 59 -8.68 -5.02 9.96
N CYS A 60 -8.47 -4.00 10.70
CA CYS A 60 -8.48 -4.02 12.11
C CYS A 60 -9.69 -3.16 12.41
N GLN A 4 -1.83 2.01 -9.97
CA GLN A 4 -2.76 1.22 -10.77
C GLN A 4 -2.59 -0.26 -10.46
N GLY A 5 -1.37 -0.75 -10.60
CA GLY A 5 -1.13 -2.14 -10.27
C GLY A 5 -0.67 -2.95 -11.45
N GLY A 6 0.27 -3.83 -11.18
CA GLY A 6 0.82 -4.69 -12.20
C GLY A 6 2.27 -4.37 -12.38
N GLN A 7 2.50 -3.21 -12.93
CA GLN A 7 3.80 -2.63 -13.03
C GLN A 7 4.25 -2.13 -11.66
N VAL A 8 5.41 -1.49 -11.64
CA VAL A 8 6.05 -1.00 -10.41
C VAL A 8 5.28 0.20 -9.82
N ASP A 9 4.19 0.54 -10.42
CA ASP A 9 3.51 1.74 -10.06
C ASP A 9 2.82 1.61 -8.73
N CYS A 10 3.43 2.23 -7.78
CA CYS A 10 2.80 2.48 -6.47
C CYS A 10 1.82 3.64 -6.53
N GLY A 11 1.56 4.16 -7.70
CA GLY A 11 0.74 5.31 -7.81
C GLY A 11 1.55 6.53 -7.50
N GLU A 12 1.94 6.64 -6.26
CA GLU A 12 2.75 7.71 -5.84
C GLU A 12 4.23 7.34 -5.86
N PHE A 13 4.55 6.03 -5.63
CA PHE A 13 5.89 5.51 -5.85
C PHE A 13 6.96 6.10 -4.99
N GLN A 14 7.04 5.54 -3.84
CA GLN A 14 8.17 5.75 -2.95
C GLN A 14 9.47 5.43 -3.62
N ASP A 15 9.58 4.21 -3.90
CA ASP A 15 10.69 3.59 -4.43
C ASP A 15 10.20 2.44 -5.28
N THR A 16 11.10 1.87 -5.94
CA THR A 16 10.97 0.77 -6.85
C THR A 16 10.49 -0.54 -6.18
N LYS A 17 10.59 -0.63 -4.87
CA LYS A 17 10.18 -1.83 -4.17
C LYS A 17 8.71 -1.71 -3.84
N VAL A 18 8.29 -0.50 -3.93
CA VAL A 18 6.98 -0.11 -3.54
C VAL A 18 6.13 0.06 -4.79
N TYR A 19 5.34 -0.92 -5.08
CA TYR A 19 4.47 -0.95 -6.24
C TYR A 19 3.12 -1.48 -5.75
N CYS A 20 2.07 -1.18 -6.45
CA CYS A 20 0.79 -1.64 -6.05
C CYS A 20 0.24 -2.70 -6.98
N THR A 21 -0.91 -3.18 -6.63
CA THR A 21 -1.66 -4.12 -7.40
C THR A 21 -3.08 -3.67 -7.43
N ARG A 22 -3.77 -4.27 -8.30
CA ARG A 22 -5.16 -3.96 -8.60
C ARG A 22 -5.97 -4.90 -7.77
N GLU A 23 -5.41 -6.08 -7.71
CA GLU A 23 -5.92 -7.23 -7.02
C GLU A 23 -6.15 -6.89 -5.58
N SER A 24 -7.24 -7.37 -5.04
CA SER A 24 -7.59 -7.05 -3.70
C SER A 24 -6.69 -7.71 -2.68
N ASN A 25 -5.81 -6.92 -2.25
CA ASN A 25 -4.86 -7.23 -1.21
C ASN A 25 -5.22 -6.38 -0.01
N PRO A 26 -5.99 -6.92 0.93
CA PRO A 26 -6.44 -6.17 2.07
C PRO A 26 -5.32 -5.97 3.11
N HIS A 27 -5.19 -4.75 3.55
CA HIS A 27 -4.15 -4.34 4.46
C HIS A 27 -4.74 -3.37 5.39
N CYS A 28 -4.55 -3.63 6.60
CA CYS A 28 -4.85 -2.71 7.61
C CYS A 28 -3.53 -2.17 7.98
N GLY A 29 -3.25 -0.96 7.61
CA GLY A 29 -1.97 -0.40 7.84
C GLY A 29 -1.73 -0.12 9.27
N SER A 30 -0.50 0.11 9.62
CA SER A 30 -0.10 0.48 10.99
C SER A 30 -0.92 1.66 11.48
N ASP A 31 -1.35 2.48 10.52
CA ASP A 31 -2.16 3.65 10.68
C ASP A 31 -3.46 3.27 11.28
N GLY A 32 -3.93 2.16 10.88
CA GLY A 32 -5.21 1.76 11.27
C GLY A 32 -6.08 1.69 10.10
N GLN A 33 -5.66 2.37 9.08
CA GLN A 33 -6.42 2.35 7.86
C GLN A 33 -6.35 1.08 7.12
N THR A 34 -7.50 0.65 6.75
CA THR A 34 -7.65 -0.54 5.98
C THR A 34 -7.91 -0.17 4.57
N TYR A 35 -7.18 -0.79 3.70
CA TYR A 35 -7.33 -0.57 2.33
C TYR A 35 -7.62 -1.87 1.62
N GLY A 36 -8.47 -1.74 0.62
CA GLY A 36 -8.96 -2.86 -0.17
C GLY A 36 -7.88 -3.54 -1.02
N ASN A 37 -6.99 -2.77 -1.60
CA ASN A 37 -5.93 -3.36 -2.36
C ASN A 37 -4.63 -2.71 -1.98
N LYS A 38 -3.55 -3.18 -2.55
CA LYS A 38 -2.24 -2.69 -2.18
C LYS A 38 -2.04 -1.28 -2.60
N CYS A 39 -2.60 -0.98 -3.68
CA CYS A 39 -2.53 0.36 -4.29
C CYS A 39 -3.14 1.38 -3.42
N ALA A 40 -4.18 0.97 -2.83
CA ALA A 40 -4.97 1.78 -1.95
C ALA A 40 -4.12 2.18 -0.72
N PHE A 41 -3.33 1.26 -0.25
CA PHE A 41 -2.45 1.46 0.91
C PHE A 41 -1.08 2.01 0.51
N CYS A 42 -0.67 1.71 -0.69
CA CYS A 42 0.64 2.02 -1.22
C CYS A 42 0.90 3.47 -1.17
N LYS A 43 -0.09 4.28 -1.50
CA LYS A 43 0.11 5.67 -1.68
C LYS A 43 0.29 6.34 -0.36
N ALA A 44 -0.22 5.69 0.60
CA ALA A 44 -0.17 6.16 1.94
C ALA A 44 1.15 5.85 2.52
N ILE A 45 1.76 4.79 2.03
CA ILE A 45 3.07 4.44 2.49
C ILE A 45 3.97 5.49 2.02
N VAL A 46 3.71 5.83 0.82
CA VAL A 46 4.35 6.90 0.13
C VAL A 46 4.07 8.25 0.82
N LYS A 47 2.95 8.34 1.51
CA LYS A 47 2.61 9.58 2.18
C LYS A 47 3.50 9.82 3.38
N SER A 48 3.78 8.79 4.08
CA SER A 48 4.59 8.90 5.28
C SER A 48 6.02 8.37 5.10
N GLY A 49 6.51 8.32 3.88
CA GLY A 49 7.89 8.03 3.67
C GLY A 49 8.26 6.61 3.68
N GLY A 50 7.32 5.76 3.58
CA GLY A 50 7.58 4.37 3.67
C GLY A 50 7.60 3.96 5.10
N LYS A 51 7.36 4.93 5.98
CA LYS A 51 7.33 4.64 7.37
C LYS A 51 6.18 3.81 7.83
N ILE A 52 5.08 3.88 7.16
CA ILE A 52 3.95 3.05 7.56
C ILE A 52 4.19 1.63 7.09
N SER A 53 3.75 0.71 7.86
CA SER A 53 3.89 -0.67 7.59
C SER A 53 2.52 -1.28 7.77
N LEU A 54 2.41 -2.55 7.66
CA LEU A 54 1.27 -3.18 7.85
C LEU A 54 0.98 -3.54 9.30
N LYS A 55 -0.26 -3.40 9.66
CA LYS A 55 -0.75 -3.83 10.88
C LYS A 55 -1.27 -5.24 10.76
N HIS A 56 -2.11 -5.44 9.81
CA HIS A 56 -2.78 -6.72 9.64
C HIS A 56 -2.99 -7.03 8.18
N PRO A 57 -2.76 -8.29 7.77
CA PRO A 57 -3.17 -8.76 6.46
C PRO A 57 -4.67 -8.99 6.52
N GLY A 58 -5.40 -8.16 5.84
CA GLY A 58 -6.82 -8.17 5.96
C GLY A 58 -7.24 -6.84 6.51
N LYS A 59 -8.51 -6.65 6.68
CA LYS A 59 -9.00 -5.48 7.28
C LYS A 59 -8.85 -5.52 8.77
N CYS A 60 -9.09 -4.43 9.37
CA CYS A 60 -9.26 -4.38 10.78
C CYS A 60 -10.74 -4.54 11.06
N GLN A 4 -0.72 2.82 -11.92
CA GLN A 4 -1.68 2.90 -10.84
C GLN A 4 -2.95 2.23 -11.28
N GLY A 5 -3.73 1.74 -10.32
CA GLY A 5 -4.99 1.09 -10.62
C GLY A 5 -4.77 -0.23 -11.32
N GLY A 6 -3.99 -1.07 -10.71
CA GLY A 6 -3.68 -2.35 -11.30
C GLY A 6 -2.29 -2.35 -11.82
N GLN A 7 -2.02 -1.34 -12.60
CA GLN A 7 -0.70 -1.09 -13.12
C GLN A 7 0.24 -0.79 -11.96
N VAL A 8 1.33 -1.53 -11.90
CA VAL A 8 2.30 -1.61 -10.76
C VAL A 8 2.97 -0.27 -10.40
N ASP A 9 2.87 0.65 -11.28
CA ASP A 9 3.64 1.89 -11.25
C ASP A 9 3.39 2.83 -10.07
N CYS A 10 4.01 2.53 -8.97
CA CYS A 10 4.09 3.51 -7.93
C CYS A 10 5.30 4.35 -8.18
N GLY A 11 5.11 5.30 -9.11
CA GLY A 11 6.16 6.18 -9.59
C GLY A 11 6.74 7.08 -8.54
N GLU A 12 6.02 7.25 -7.44
CA GLU A 12 6.53 7.98 -6.35
C GLU A 12 7.70 7.21 -5.74
N PHE A 13 7.47 5.89 -5.55
CA PHE A 13 8.53 4.86 -5.20
C PHE A 13 9.51 5.33 -4.10
N GLN A 14 9.00 6.10 -3.23
CA GLN A 14 9.77 6.72 -2.13
C GLN A 14 10.45 5.72 -1.23
N ASP A 15 9.90 4.60 -1.24
CA ASP A 15 10.35 3.49 -0.58
C ASP A 15 10.34 2.36 -1.59
N THR A 16 11.18 1.46 -1.35
CA THR A 16 11.45 0.32 -2.21
C THR A 16 10.25 -0.64 -2.34
N LYS A 17 9.42 -0.71 -1.33
CA LYS A 17 8.28 -1.62 -1.32
C LYS A 17 7.07 -0.98 -2.02
N VAL A 18 7.27 0.18 -2.56
CA VAL A 18 6.23 0.95 -3.17
C VAL A 18 5.96 0.60 -4.65
N TYR A 19 5.26 -0.47 -4.81
CA TYR A 19 4.68 -0.92 -6.06
C TYR A 19 3.27 -1.40 -5.68
N CYS A 20 2.31 -1.35 -6.58
CA CYS A 20 0.98 -1.76 -6.21
C CYS A 20 0.48 -3.04 -6.87
N THR A 21 -0.72 -3.42 -6.45
CA THR A 21 -1.43 -4.60 -6.87
C THR A 21 -2.51 -4.31 -7.89
N ARG A 22 -3.07 -5.40 -8.34
CA ARG A 22 -4.30 -5.41 -9.13
C ARG A 22 -5.28 -6.37 -8.46
N GLU A 23 -4.76 -7.06 -7.46
CA GLU A 23 -5.46 -8.04 -6.71
C GLU A 23 -6.03 -7.33 -5.51
N SER A 24 -7.16 -7.76 -5.02
CA SER A 24 -7.70 -7.17 -3.84
C SER A 24 -7.15 -7.83 -2.61
N ASN A 25 -6.21 -7.18 -2.06
CA ASN A 25 -5.48 -7.65 -0.90
C ASN A 25 -5.82 -6.77 0.31
N PRO A 26 -6.79 -7.16 1.14
CA PRO A 26 -7.12 -6.38 2.33
C PRO A 26 -6.03 -6.56 3.37
N HIS A 27 -5.47 -5.46 3.80
CA HIS A 27 -4.40 -5.44 4.70
C HIS A 27 -4.43 -4.16 5.44
N CYS A 28 -4.27 -4.28 6.69
CA CYS A 28 -4.28 -3.19 7.58
C CYS A 28 -2.88 -2.76 7.74
N GLY A 29 -2.59 -1.62 7.28
CA GLY A 29 -1.29 -1.12 7.36
C GLY A 29 -0.86 -0.89 8.77
N SER A 30 0.37 -1.08 9.00
CA SER A 30 1.04 -0.80 10.26
C SER A 30 0.63 0.58 10.80
N ASP A 31 0.53 1.57 9.88
CA ASP A 31 0.09 2.95 10.19
C ASP A 31 -1.37 3.04 10.46
N GLY A 32 -2.01 1.92 10.46
CA GLY A 32 -3.40 1.87 10.80
C GLY A 32 -4.23 1.90 9.60
N GLN A 33 -3.62 2.36 8.56
CA GLN A 33 -4.30 2.52 7.33
C GLN A 33 -4.59 1.28 6.64
N THR A 34 -5.80 1.14 6.41
CA THR A 34 -6.31 -0.06 5.79
C THR A 34 -6.92 0.29 4.49
N TYR A 35 -6.51 -0.39 3.49
CA TYR A 35 -7.10 -0.23 2.22
C TYR A 35 -7.36 -1.56 1.58
N GLY A 36 -8.24 -1.49 0.62
CA GLY A 36 -8.69 -2.63 -0.16
C GLY A 36 -7.57 -3.42 -0.83
N ASN A 37 -6.48 -2.74 -1.19
CA ASN A 37 -5.33 -3.42 -1.73
C ASN A 37 -4.14 -2.51 -1.65
N LYS A 38 -3.03 -2.94 -2.19
CA LYS A 38 -1.80 -2.17 -2.12
C LYS A 38 -1.88 -0.93 -2.95
N CYS A 39 -2.41 -1.08 -4.06
CA CYS A 39 -2.58 0.04 -5.02
C CYS A 39 -3.47 1.10 -4.48
N ALA A 40 -4.38 0.65 -3.72
CA ALA A 40 -5.36 1.46 -3.05
C ALA A 40 -4.68 2.54 -2.24
N PHE A 41 -3.61 2.22 -1.52
CA PHE A 41 -2.92 3.26 -0.78
C PHE A 41 -1.40 3.24 -0.96
N CYS A 42 -0.94 2.72 -2.07
CA CYS A 42 0.52 2.67 -2.38
C CYS A 42 1.12 4.04 -2.30
N LYS A 43 0.44 4.98 -2.87
CA LYS A 43 0.78 6.34 -2.92
C LYS A 43 0.71 7.05 -1.62
N ALA A 44 -0.06 6.55 -0.84
CA ALA A 44 -0.19 7.00 0.51
C ALA A 44 0.87 6.39 1.37
N ILE A 45 1.38 5.21 0.99
CA ILE A 45 2.47 4.58 1.73
C ILE A 45 3.61 5.44 1.59
N VAL A 46 3.72 5.88 0.40
CA VAL A 46 4.66 6.87 -0.04
C VAL A 46 4.59 8.08 0.87
N LYS A 47 3.39 8.47 1.18
CA LYS A 47 3.18 9.69 1.92
C LYS A 47 3.34 9.49 3.40
N SER A 48 3.01 8.32 3.84
CA SER A 48 3.21 7.95 5.20
C SER A 48 4.68 7.53 5.47
N GLY A 49 5.56 7.74 4.49
CA GLY A 49 6.96 7.54 4.68
C GLY A 49 7.50 6.24 4.20
N GLY A 50 6.66 5.44 3.62
CA GLY A 50 7.06 4.13 3.16
C GLY A 50 7.05 3.16 4.31
N LYS A 51 6.80 3.71 5.48
CA LYS A 51 6.74 2.99 6.73
C LYS A 51 5.68 1.94 6.77
N ILE A 52 4.65 2.12 5.98
CA ILE A 52 3.57 1.21 6.08
C ILE A 52 3.96 -0.20 5.63
N SER A 53 3.70 -1.06 6.51
CA SER A 53 3.89 -2.48 6.43
C SER A 53 2.59 -3.04 6.89
N LEU A 54 2.47 -4.30 7.02
CA LEU A 54 1.33 -4.84 7.41
C LEU A 54 1.18 -5.14 8.90
N LYS A 55 -0.04 -4.89 9.39
CA LYS A 55 -0.49 -5.43 10.67
C LYS A 55 -0.85 -6.85 10.44
N HIS A 56 -1.86 -6.98 9.64
CA HIS A 56 -2.50 -8.25 9.40
C HIS A 56 -3.43 -8.09 8.19
N PRO A 57 -3.68 -9.17 7.42
CA PRO A 57 -4.67 -9.15 6.36
C PRO A 57 -6.07 -8.86 6.92
N GLY A 58 -6.79 -8.05 6.22
CA GLY A 58 -8.08 -7.63 6.68
C GLY A 58 -7.99 -6.26 7.30
N LYS A 59 -9.13 -5.62 7.46
CA LYS A 59 -9.21 -4.36 8.11
C LYS A 59 -8.82 -4.35 9.53
N CYS A 60 -8.58 -3.16 9.92
CA CYS A 60 -8.63 -2.75 11.26
C CYS A 60 -9.90 -1.92 11.30
N GLN A 4 6.88 -1.04 -9.89
CA GLN A 4 7.51 -1.19 -11.19
C GLN A 4 6.94 -2.45 -11.81
N GLY A 5 6.43 -2.37 -13.02
CA GLY A 5 5.92 -3.57 -13.66
C GLY A 5 5.08 -3.27 -14.88
N GLY A 6 4.32 -2.21 -14.82
CA GLY A 6 3.40 -1.88 -15.91
C GLY A 6 2.01 -2.24 -15.52
N GLN A 7 1.79 -2.04 -14.30
CA GLN A 7 0.59 -2.29 -13.61
C GLN A 7 0.19 -0.97 -13.04
N VAL A 8 -0.68 -0.98 -12.08
CA VAL A 8 -0.95 0.25 -11.39
C VAL A 8 0.24 0.59 -10.47
N ASP A 9 1.21 1.21 -11.07
CA ASP A 9 2.38 1.61 -10.39
C ASP A 9 2.23 3.03 -9.90
N CYS A 10 1.90 3.10 -8.62
CA CYS A 10 1.78 4.33 -7.82
C CYS A 10 2.69 5.42 -8.27
N GLY A 11 2.05 6.53 -8.65
CA GLY A 11 2.72 7.66 -9.17
C GLY A 11 3.28 8.51 -8.09
N GLU A 12 2.87 8.22 -6.86
CA GLU A 12 3.41 8.84 -5.73
C GLU A 12 4.82 8.31 -5.62
N PHE A 13 4.90 6.95 -5.69
CA PHE A 13 6.21 6.22 -5.92
C PHE A 13 7.34 6.65 -4.98
N GLN A 14 6.96 6.99 -3.81
CA GLN A 14 7.84 7.44 -2.71
C GLN A 14 9.07 6.60 -2.51
N ASP A 15 8.86 5.39 -2.72
CA ASP A 15 9.82 4.41 -2.68
C ASP A 15 9.46 3.46 -3.81
N THR A 16 10.25 2.51 -4.00
CA THR A 16 10.15 1.57 -5.06
C THR A 16 9.26 0.38 -4.68
N LYS A 17 8.77 0.38 -3.47
CA LYS A 17 7.88 -0.64 -2.97
C LYS A 17 6.46 -0.18 -3.20
N VAL A 18 6.38 1.04 -3.62
CA VAL A 18 5.14 1.74 -3.82
C VAL A 18 4.58 1.45 -5.21
N TYR A 19 4.08 0.28 -5.34
CA TYR A 19 3.34 -0.21 -6.46
C TYR A 19 2.19 -0.97 -5.86
N CYS A 20 1.05 -0.97 -6.47
CA CYS A 20 -0.07 -1.59 -5.85
C CYS A 20 -0.54 -2.85 -6.55
N THR A 21 -1.64 -3.32 -6.08
CA THR A 21 -2.28 -4.52 -6.49
C THR A 21 -3.06 -4.42 -7.79
N ARG A 22 -3.50 -5.54 -8.20
CA ARG A 22 -4.50 -5.70 -9.23
C ARG A 22 -5.63 -6.54 -8.64
N GLU A 23 -5.32 -7.08 -7.49
CA GLU A 23 -6.17 -7.89 -6.70
C GLU A 23 -7.00 -6.97 -5.74
N SER A 24 -7.73 -7.61 -4.83
CA SER A 24 -8.64 -6.93 -3.91
C SER A 24 -8.16 -7.14 -2.47
N ASN A 25 -6.91 -7.40 -2.39
CA ASN A 25 -6.15 -7.68 -1.13
C ASN A 25 -6.26 -6.56 -0.10
N PRO A 26 -7.08 -6.70 0.95
CA PRO A 26 -7.26 -5.65 1.93
C PRO A 26 -6.07 -5.57 2.89
N HIS A 27 -5.80 -4.39 3.40
CA HIS A 27 -4.63 -4.15 4.20
C HIS A 27 -4.92 -3.13 5.23
N CYS A 28 -4.59 -3.45 6.41
CA CYS A 28 -4.57 -2.53 7.49
C CYS A 28 -3.13 -2.23 7.68
N GLY A 29 -2.71 -1.12 7.20
CA GLY A 29 -1.33 -0.83 7.17
C GLY A 29 -0.82 -0.42 8.48
N SER A 30 0.47 -0.33 8.58
CA SER A 30 1.10 0.14 9.80
C SER A 30 0.80 1.65 10.01
N ASP A 31 0.12 2.25 9.02
CA ASP A 31 -0.36 3.62 9.05
C ASP A 31 -1.60 3.65 9.89
N GLY A 32 -2.05 2.46 10.23
CA GLY A 32 -3.22 2.30 11.02
C GLY A 32 -4.40 2.11 10.15
N GLN A 33 -4.31 2.70 9.00
CA GLN A 33 -5.38 2.68 8.07
C GLN A 33 -5.61 1.40 7.36
N THR A 34 -6.84 1.16 7.13
CA THR A 34 -7.27 0.02 6.39
C THR A 34 -7.78 0.47 5.05
N TYR A 35 -7.32 -0.18 4.04
CA TYR A 35 -7.77 0.06 2.74
C TYR A 35 -8.15 -1.25 2.09
N GLY A 36 -9.08 -1.15 1.19
CA GLY A 36 -9.65 -2.30 0.47
C GLY A 36 -8.64 -3.14 -0.32
N ASN A 37 -7.55 -2.53 -0.74
CA ASN A 37 -6.48 -3.25 -1.45
C ASN A 37 -5.24 -2.41 -1.45
N LYS A 38 -4.11 -2.95 -1.93
CA LYS A 38 -2.84 -2.21 -1.87
C LYS A 38 -2.87 -0.92 -2.65
N CYS A 39 -3.57 -0.92 -3.68
CA CYS A 39 -3.79 0.31 -4.50
C CYS A 39 -4.38 1.41 -3.70
N ALA A 40 -5.25 1.03 -2.88
CA ALA A 40 -5.93 1.94 -2.02
C ALA A 40 -5.00 2.34 -0.87
N PHE A 41 -4.24 1.37 -0.41
CA PHE A 41 -3.26 1.55 0.66
C PHE A 41 -1.93 2.16 0.14
N CYS A 42 -1.80 2.32 -1.16
CA CYS A 42 -0.53 2.72 -1.74
C CYS A 42 -0.13 4.09 -1.30
N LYS A 43 -1.10 4.96 -1.26
CA LYS A 43 -0.94 6.34 -0.92
C LYS A 43 -0.65 6.58 0.52
N ALA A 44 -0.93 5.63 1.21
CA ALA A 44 -0.64 5.55 2.59
C ALA A 44 0.72 5.01 2.81
N ILE A 45 1.21 4.24 1.90
CA ILE A 45 2.59 3.76 2.02
C ILE A 45 3.45 4.93 1.74
N VAL A 46 2.93 5.67 0.84
CA VAL A 46 3.40 6.96 0.44
C VAL A 46 3.51 7.90 1.65
N LYS A 47 2.60 7.71 2.63
CA LYS A 47 2.54 8.58 3.86
C LYS A 47 3.89 8.78 4.52
N SER A 48 4.64 7.73 4.64
CA SER A 48 5.94 7.82 5.26
C SER A 48 7.07 7.32 4.36
N GLY A 49 6.89 7.45 3.07
CA GLY A 49 7.95 7.21 2.19
C GLY A 49 8.13 5.83 1.72
N GLY A 50 7.10 5.08 1.69
CA GLY A 50 7.21 3.71 1.26
C GLY A 50 7.70 2.82 2.35
N LYS A 51 8.12 3.45 3.44
CA LYS A 51 8.66 2.77 4.57
C LYS A 51 7.61 2.02 5.41
N ILE A 52 6.36 2.41 5.26
CA ILE A 52 5.28 1.76 6.00
C ILE A 52 5.05 0.33 5.50
N SER A 53 4.59 -0.50 6.39
CA SER A 53 4.40 -1.89 6.12
C SER A 53 2.96 -2.23 6.45
N LEU A 54 2.62 -3.46 6.35
CA LEU A 54 1.40 -3.89 6.67
C LEU A 54 1.30 -4.49 8.05
N LYS A 55 0.20 -4.21 8.71
CA LYS A 55 -0.12 -4.93 9.93
C LYS A 55 -0.99 -6.10 9.64
N HIS A 56 -2.03 -5.84 8.93
CA HIS A 56 -3.06 -6.87 8.74
C HIS A 56 -3.39 -7.14 7.31
N PRO A 57 -3.39 -8.40 6.90
CA PRO A 57 -4.02 -8.79 5.67
C PRO A 57 -5.51 -8.81 5.96
N GLY A 58 -6.21 -7.89 5.41
CA GLY A 58 -7.57 -7.68 5.79
C GLY A 58 -7.66 -6.37 6.53
N LYS A 59 -8.84 -6.02 6.97
CA LYS A 59 -9.03 -4.84 7.71
C LYS A 59 -8.59 -4.99 9.15
N CYS A 60 -8.65 -3.90 9.82
CA CYS A 60 -8.58 -3.91 11.24
C CYS A 60 -10.01 -4.01 11.76
N GLN A 4 5.32 3.54 -11.87
CA GLN A 4 6.02 4.45 -12.76
C GLN A 4 5.85 4.02 -14.23
N GLY A 5 5.73 2.71 -14.48
CA GLY A 5 5.55 2.23 -15.84
C GLY A 5 4.16 1.68 -16.03
N GLY A 6 4.02 0.37 -15.90
CA GLY A 6 2.70 -0.24 -15.97
C GLY A 6 2.02 -0.01 -14.66
N GLN A 7 1.14 1.02 -14.65
CA GLN A 7 0.49 1.71 -13.47
C GLN A 7 -0.11 0.87 -12.31
N VAL A 8 0.51 -0.16 -12.01
CA VAL A 8 0.25 -0.94 -10.83
C VAL A 8 1.44 -0.78 -9.92
N ASP A 9 2.49 -0.37 -10.52
CA ASP A 9 3.72 -0.19 -9.85
C ASP A 9 3.69 1.17 -9.16
N CYS A 10 2.77 1.25 -8.18
CA CYS A 10 2.51 2.41 -7.32
C CYS A 10 2.77 3.76 -7.95
N GLY A 11 1.69 4.44 -8.36
CA GLY A 11 1.83 5.75 -9.01
C GLY A 11 2.49 6.78 -8.13
N GLU A 12 2.41 6.54 -6.85
CA GLU A 12 3.07 7.29 -5.85
C GLU A 12 4.58 7.06 -5.96
N PHE A 13 4.93 5.77 -5.92
CA PHE A 13 6.25 5.25 -5.98
C PHE A 13 7.26 5.86 -5.09
N GLN A 14 7.23 5.34 -3.94
CA GLN A 14 8.19 5.68 -2.92
C GLN A 14 9.57 5.29 -3.35
N ASP A 15 9.59 4.16 -3.88
CA ASP A 15 10.66 3.52 -4.44
C ASP A 15 10.11 2.84 -5.67
N THR A 16 10.96 2.70 -6.57
CA THR A 16 10.79 2.22 -7.90
C THR A 16 10.05 0.86 -8.04
N LYS A 17 10.44 -0.15 -7.27
CA LYS A 17 9.92 -1.47 -7.44
C LYS A 17 8.70 -1.75 -6.56
N VAL A 18 8.15 -0.73 -5.97
CA VAL A 18 7.02 -0.89 -5.10
C VAL A 18 5.75 -0.90 -5.92
N TYR A 19 5.19 -2.04 -6.08
CA TYR A 19 3.99 -2.24 -6.82
C TYR A 19 2.87 -2.64 -5.86
N CYS A 20 1.69 -2.27 -6.21
CA CYS A 20 0.52 -2.59 -5.46
C CYS A 20 -0.15 -3.81 -6.02
N THR A 21 -1.34 -4.01 -5.63
CA THR A 21 -2.13 -5.15 -5.98
C THR A 21 -2.74 -5.11 -7.36
N ARG A 22 -2.81 -6.25 -7.93
CA ARG A 22 -3.53 -6.47 -9.17
C ARG A 22 -4.88 -6.95 -8.74
N GLU A 23 -4.82 -7.61 -7.63
CA GLU A 23 -5.92 -8.16 -6.92
C GLU A 23 -6.39 -7.10 -5.94
N SER A 24 -7.20 -7.49 -5.00
CA SER A 24 -7.52 -6.61 -3.93
C SER A 24 -7.30 -7.29 -2.62
N ASN A 25 -6.25 -6.88 -2.02
CA ASN A 25 -5.79 -7.40 -0.75
C ASN A 25 -5.97 -6.31 0.28
N PRO A 26 -6.96 -6.43 1.16
CA PRO A 26 -7.22 -5.41 2.16
C PRO A 26 -6.13 -5.37 3.25
N HIS A 27 -5.88 -4.21 3.78
CA HIS A 27 -4.80 -4.00 4.71
C HIS A 27 -5.19 -2.95 5.67
N CYS A 28 -5.00 -3.26 6.89
CA CYS A 28 -5.09 -2.30 7.92
C CYS A 28 -3.71 -2.03 8.35
N GLY A 29 -3.19 -0.93 7.94
CA GLY A 29 -1.86 -0.60 8.25
C GLY A 29 -1.71 -0.29 9.70
N SER A 30 -0.52 -0.36 10.17
CA SER A 30 -0.20 -0.04 11.53
C SER A 30 -0.55 1.44 11.85
N ASP A 31 -0.65 2.22 10.78
CA ASP A 31 -1.02 3.63 10.81
C ASP A 31 -2.47 3.79 11.07
N GLY A 32 -3.18 2.73 10.91
CA GLY A 32 -4.55 2.78 11.19
C GLY A 32 -5.33 2.73 9.97
N GLN A 33 -4.68 3.09 8.91
CA GLN A 33 -5.36 3.11 7.65
C GLN A 33 -5.66 1.78 7.09
N THR A 34 -6.86 1.68 6.73
CA THR A 34 -7.36 0.48 6.14
C THR A 34 -7.77 0.77 4.75
N TYR A 35 -7.27 0.01 3.86
CA TYR A 35 -7.65 0.10 2.52
C TYR A 35 -7.96 -1.23 1.95
N GLY A 36 -8.76 -1.18 0.94
CA GLY A 36 -9.27 -2.34 0.23
C GLY A 36 -8.23 -3.12 -0.52
N ASN A 37 -7.14 -2.47 -0.88
CA ASN A 37 -6.07 -3.16 -1.56
C ASN A 37 -4.76 -2.43 -1.36
N LYS A 38 -3.67 -3.06 -1.74
CA LYS A 38 -2.34 -2.49 -1.57
C LYS A 38 -2.18 -1.21 -2.32
N CYS A 39 -2.81 -1.14 -3.40
CA CYS A 39 -2.84 0.08 -4.25
C CYS A 39 -3.38 1.26 -3.48
N ALA A 40 -4.35 0.97 -2.74
CA ALA A 40 -5.08 1.95 -1.98
C ALA A 40 -4.28 2.36 -0.73
N PHE A 41 -3.68 1.39 -0.11
CA PHE A 41 -2.87 1.59 1.10
C PHE A 41 -1.44 2.06 0.76
N CYS A 42 -1.07 1.97 -0.50
CA CYS A 42 0.29 2.27 -0.95
C CYS A 42 0.67 3.67 -0.65
N LYS A 43 -0.25 4.58 -0.83
CA LYS A 43 0.02 5.98 -0.77
C LYS A 43 0.27 6.44 0.62
N ALA A 44 -0.20 5.67 1.47
CA ALA A 44 -0.03 5.87 2.87
C ALA A 44 1.38 5.54 3.21
N ILE A 45 1.86 4.47 2.57
CA ILE A 45 3.15 3.92 2.88
C ILE A 45 4.19 4.84 2.39
N VAL A 46 3.99 5.21 1.18
CA VAL A 46 4.85 6.09 0.40
C VAL A 46 5.15 7.35 1.16
N LYS A 47 4.11 7.97 1.58
CA LYS A 47 4.20 9.27 2.20
C LYS A 47 4.79 9.20 3.57
N SER A 48 4.52 8.16 4.24
CA SER A 48 5.06 7.96 5.54
C SER A 48 6.49 7.36 5.50
N GLY A 49 7.01 7.13 4.30
CA GLY A 49 8.35 6.71 4.13
C GLY A 49 8.57 5.25 4.05
N GLY A 50 7.53 4.51 3.84
CA GLY A 50 7.65 3.06 3.79
C GLY A 50 7.70 2.50 5.20
N LYS A 51 7.78 3.40 6.14
CA LYS A 51 7.87 3.11 7.56
C LYS A 51 6.63 2.47 8.15
N ILE A 52 5.53 2.54 7.47
CA ILE A 52 4.32 1.87 7.98
C ILE A 52 4.38 0.37 7.68
N SER A 53 3.82 -0.40 8.56
CA SER A 53 3.73 -1.81 8.41
C SER A 53 2.27 -2.17 8.44
N LEU A 54 1.95 -3.39 8.26
CA LEU A 54 0.69 -3.82 8.30
C LEU A 54 0.31 -4.46 9.62
N LYS A 55 -0.92 -4.19 10.05
CA LYS A 55 -1.45 -4.95 11.14
C LYS A 55 -2.13 -6.16 10.58
N HIS A 56 -3.06 -5.88 9.73
CA HIS A 56 -4.02 -6.92 9.34
C HIS A 56 -4.18 -7.04 7.86
N PRO A 57 -4.26 -8.28 7.36
CA PRO A 57 -4.81 -8.52 6.04
C PRO A 57 -6.32 -8.45 6.25
N GLY A 58 -6.89 -7.43 5.74
CA GLY A 58 -8.26 -7.11 6.04
C GLY A 58 -8.28 -5.81 6.77
N LYS A 59 -9.44 -5.34 7.11
CA LYS A 59 -9.57 -4.13 7.83
C LYS A 59 -9.27 -4.32 9.30
N CYS A 60 -9.29 -3.25 9.99
CA CYS A 60 -9.32 -3.30 11.41
C CYS A 60 -10.79 -3.31 11.82
N GLN A 4 7.88 -1.97 -6.59
CA GLN A 4 8.35 -1.75 -7.96
C GLN A 4 9.39 -2.80 -8.37
N GLY A 5 10.42 -2.98 -7.55
CA GLY A 5 11.49 -3.91 -7.87
C GLY A 5 11.03 -5.35 -7.83
N GLY A 6 10.19 -5.65 -6.87
CA GLY A 6 9.64 -6.98 -6.78
C GLY A 6 8.23 -7.01 -7.28
N GLN A 7 7.35 -6.44 -6.50
CA GLN A 7 5.98 -6.35 -6.85
C GLN A 7 5.75 -5.04 -7.62
N VAL A 8 5.10 -5.07 -8.76
CA VAL A 8 4.87 -3.80 -9.44
C VAL A 8 3.56 -3.18 -9.02
N ASP A 9 3.50 -2.92 -7.79
CA ASP A 9 2.52 -2.11 -7.22
C ASP A 9 3.21 -1.14 -6.35
N CYS A 10 3.53 -0.02 -6.94
CA CYS A 10 4.22 1.06 -6.30
C CYS A 10 5.32 0.72 -5.29
N GLY A 11 4.99 0.84 -4.03
CA GLY A 11 5.93 0.63 -2.96
C GLY A 11 7.00 1.69 -2.90
N GLU A 12 8.01 1.51 -3.68
CA GLU A 12 9.22 2.27 -3.69
C GLU A 12 9.10 3.60 -4.44
N PHE A 13 7.96 3.82 -5.08
CA PHE A 13 7.72 5.03 -5.91
C PHE A 13 7.97 6.31 -5.19
N GLN A 14 7.46 6.39 -3.99
CA GLN A 14 7.50 7.60 -3.06
C GLN A 14 6.78 8.84 -3.61
N ASP A 15 6.58 8.80 -4.87
CA ASP A 15 6.04 9.82 -5.71
C ASP A 15 4.52 9.96 -5.53
N THR A 16 3.97 10.41 -6.59
CA THR A 16 2.60 10.63 -6.86
C THR A 16 2.16 9.90 -8.19
N LYS A 17 3.16 9.41 -8.99
CA LYS A 17 2.93 8.62 -10.25
C LYS A 17 2.59 7.19 -9.87
N VAL A 18 2.53 7.05 -8.63
CA VAL A 18 2.29 5.85 -7.88
C VAL A 18 1.04 5.10 -8.33
N TYR A 19 1.29 4.00 -8.97
CA TYR A 19 0.27 3.08 -9.42
C TYR A 19 0.13 1.97 -8.41
N CYS A 20 -1.08 1.77 -7.98
CA CYS A 20 -1.41 0.79 -6.96
C CYS A 20 -1.71 -0.58 -7.57
N THR A 21 -2.17 -1.48 -6.74
CA THR A 21 -2.42 -2.85 -7.12
C THR A 21 -3.68 -3.04 -7.89
N ARG A 22 -3.80 -4.26 -8.31
CA ARG A 22 -5.00 -4.76 -8.91
C ARG A 22 -5.73 -5.67 -7.91
N GLU A 23 -5.01 -6.01 -6.83
CA GLU A 23 -5.53 -6.76 -5.72
C GLU A 23 -6.66 -5.98 -5.04
N SER A 24 -7.70 -6.68 -4.64
CA SER A 24 -8.88 -6.11 -3.97
C SER A 24 -8.82 -6.50 -2.50
N ASN A 25 -7.70 -6.97 -2.15
CA ASN A 25 -7.35 -7.51 -0.84
C ASN A 25 -7.29 -6.43 0.23
N PRO A 26 -8.17 -6.49 1.25
CA PRO A 26 -8.18 -5.51 2.36
C PRO A 26 -6.94 -5.64 3.26
N HIS A 27 -6.50 -4.53 3.83
CA HIS A 27 -5.26 -4.42 4.61
C HIS A 27 -5.40 -3.33 5.58
N CYS A 28 -5.15 -3.66 6.77
CA CYS A 28 -5.10 -2.72 7.79
C CYS A 28 -3.65 -2.46 7.99
N GLY A 29 -3.18 -1.39 7.42
CA GLY A 29 -1.79 -1.19 7.35
C GLY A 29 -1.23 -0.69 8.60
N SER A 30 0.07 -0.65 8.67
CA SER A 30 0.75 -0.04 9.78
C SER A 30 0.63 1.51 9.67
N ASP A 31 -0.16 1.93 8.64
CA ASP A 31 -0.64 3.28 8.38
C ASP A 31 -1.62 3.59 9.47
N GLY A 32 -2.07 2.51 10.06
CA GLY A 32 -3.02 2.56 11.07
C GLY A 32 -4.33 2.21 10.50
N GLN A 33 -4.50 2.65 9.29
CA GLN A 33 -5.75 2.57 8.62
C GLN A 33 -6.02 1.32 7.92
N THR A 34 -7.27 1.09 7.77
CA THR A 34 -7.73 -0.01 7.01
C THR A 34 -8.04 0.46 5.63
N TYR A 35 -7.44 -0.16 4.70
CA TYR A 35 -7.69 0.13 3.38
C TYR A 35 -8.36 -1.01 2.70
N GLY A 36 -9.25 -0.64 1.82
CA GLY A 36 -10.10 -1.56 1.11
C GLY A 36 -9.32 -2.56 0.32
N ASN A 37 -8.22 -2.13 -0.23
CA ASN A 37 -7.40 -3.02 -0.97
C ASN A 37 -5.95 -2.61 -0.87
N LYS A 38 -5.08 -3.47 -1.31
CA LYS A 38 -3.63 -3.30 -1.26
C LYS A 38 -3.18 -2.06 -1.99
N CYS A 39 -3.91 -1.76 -2.95
CA CYS A 39 -3.78 -0.55 -3.76
C CYS A 39 -3.81 0.70 -2.88
N ALA A 40 -4.80 0.71 -2.09
CA ALA A 40 -5.15 1.80 -1.20
C ALA A 40 -4.11 1.92 -0.09
N PHE A 41 -3.62 0.79 0.30
CA PHE A 41 -2.59 0.66 1.35
C PHE A 41 -1.15 0.89 0.82
N CYS A 42 -0.96 0.82 -0.47
CA CYS A 42 0.37 0.90 -1.06
C CYS A 42 0.92 2.25 -0.87
N LYS A 43 0.05 3.25 -0.86
CA LYS A 43 0.44 4.60 -0.90
C LYS A 43 1.16 5.01 0.30
N ALA A 44 0.81 4.38 1.29
CA ALA A 44 1.36 4.60 2.59
C ALA A 44 2.72 4.05 2.65
N ILE A 45 2.93 2.96 1.96
CA ILE A 45 4.20 2.32 1.95
C ILE A 45 5.09 3.23 1.23
N VAL A 46 4.53 3.72 0.21
CA VAL A 46 5.07 4.72 -0.64
C VAL A 46 5.39 6.00 0.14
N LYS A 47 4.60 6.29 1.15
CA LYS A 47 4.80 7.51 1.89
C LYS A 47 5.90 7.38 2.91
N SER A 48 5.97 6.25 3.52
CA SER A 48 6.94 6.03 4.55
C SER A 48 8.29 5.60 3.97
N GLY A 49 8.30 5.10 2.74
CA GLY A 49 9.50 4.70 2.16
C GLY A 49 9.67 3.22 2.13
N GLY A 50 8.58 2.52 2.02
CA GLY A 50 8.63 1.09 2.09
C GLY A 50 8.57 0.63 3.52
N LYS A 51 8.77 1.61 4.41
CA LYS A 51 8.81 1.36 5.84
C LYS A 51 7.48 0.93 6.46
N ILE A 52 6.38 1.27 5.86
CA ILE A 52 5.11 0.75 6.36
C ILE A 52 4.86 -0.65 5.85
N SER A 53 4.23 -1.40 6.68
CA SER A 53 3.94 -2.77 6.47
C SER A 53 2.50 -2.98 6.86
N LEU A 54 2.03 -4.17 6.82
CA LEU A 54 0.78 -4.47 7.19
C LEU A 54 0.64 -4.91 8.63
N LYS A 55 -0.45 -4.47 9.26
CA LYS A 55 -0.81 -5.03 10.54
C LYS A 55 -1.68 -6.22 10.35
N HIS A 56 -2.67 -6.04 9.56
CA HIS A 56 -3.67 -7.11 9.46
C HIS A 56 -4.25 -7.20 8.05
N PRO A 57 -4.32 -8.42 7.48
CA PRO A 57 -5.01 -8.63 6.21
C PRO A 57 -6.51 -8.62 6.48
N GLY A 58 -7.14 -7.60 6.02
CA GLY A 58 -8.51 -7.37 6.35
C GLY A 58 -8.58 -6.05 7.02
N LYS A 59 -9.69 -5.75 7.62
CA LYS A 59 -9.81 -4.55 8.34
C LYS A 59 -9.35 -4.74 9.75
N CYS A 60 -9.24 -3.65 10.40
CA CYS A 60 -9.07 -3.67 11.83
C CYS A 60 -10.47 -3.63 12.43
N GLN A 4 1.73 1.75 -16.11
CA GLN A 4 0.47 2.21 -16.70
C GLN A 4 -0.30 0.99 -17.14
N GLY A 5 -1.61 1.05 -17.06
CA GLY A 5 -2.43 -0.09 -17.44
C GLY A 5 -2.45 -1.11 -16.33
N GLY A 6 -1.41 -1.92 -16.28
CA GLY A 6 -1.25 -2.87 -15.23
C GLY A 6 -0.95 -2.11 -13.96
N GLN A 7 -1.79 -2.28 -12.96
CA GLN A 7 -1.69 -1.54 -11.73
C GLN A 7 -0.48 -1.95 -10.91
N VAL A 8 0.60 -1.26 -11.12
CA VAL A 8 1.81 -1.43 -10.33
C VAL A 8 2.37 -0.04 -10.05
N ASP A 9 1.66 0.93 -10.61
CA ASP A 9 2.12 2.31 -10.77
C ASP A 9 2.33 3.10 -9.52
N CYS A 10 3.31 2.74 -8.76
CA CYS A 10 3.72 3.58 -7.68
C CYS A 10 4.99 4.26 -8.07
N GLY A 11 4.81 5.30 -8.86
CA GLY A 11 5.93 6.05 -9.37
C GLY A 11 6.44 7.06 -8.40
N GLU A 12 5.76 7.19 -7.27
CA GLU A 12 6.17 8.04 -6.23
C GLU A 12 7.36 7.39 -5.55
N PHE A 13 7.19 6.09 -5.24
CA PHE A 13 8.27 5.17 -4.80
C PHE A 13 9.14 5.74 -3.65
N GLN A 14 8.55 6.53 -2.84
CA GLN A 14 9.26 7.16 -1.71
C GLN A 14 9.71 6.18 -0.66
N ASP A 15 9.17 5.06 -0.80
CA ASP A 15 9.46 3.93 -0.07
C ASP A 15 9.69 2.82 -1.07
N THR A 16 10.49 1.94 -0.68
CA THR A 16 11.00 0.86 -1.51
C THR A 16 9.96 -0.23 -1.76
N LYS A 17 8.95 -0.27 -0.94
CA LYS A 17 7.91 -1.27 -1.03
C LYS A 17 6.85 -0.79 -2.01
N VAL A 18 6.99 0.44 -2.36
CA VAL A 18 6.04 1.19 -3.14
C VAL A 18 5.98 0.89 -4.65
N TYR A 19 5.42 -0.23 -4.92
CA TYR A 19 4.91 -0.65 -6.21
C TYR A 19 3.61 -1.36 -5.85
N CYS A 20 2.60 -1.24 -6.63
CA CYS A 20 1.34 -1.83 -6.27
C CYS A 20 0.98 -3.02 -7.10
N THR A 21 -0.18 -3.54 -6.84
CA THR A 21 -0.74 -4.62 -7.55
C THR A 21 -2.17 -4.31 -7.86
N ARG A 22 -2.71 -5.15 -8.67
CA ARG A 22 -4.05 -5.07 -9.16
C ARG A 22 -4.89 -6.02 -8.33
N GLU A 23 -4.20 -6.98 -7.72
CA GLU A 23 -4.80 -7.98 -6.89
C GLU A 23 -5.28 -7.32 -5.61
N SER A 24 -6.43 -7.73 -5.13
CA SER A 24 -6.95 -7.17 -3.94
C SER A 24 -6.31 -7.77 -2.73
N ASN A 25 -5.41 -7.04 -2.23
CA ASN A 25 -4.66 -7.37 -1.05
C ASN A 25 -5.06 -6.44 0.06
N PRO A 26 -5.98 -6.84 0.93
CA PRO A 26 -6.39 -5.98 2.02
C PRO A 26 -5.30 -5.92 3.08
N HIS A 27 -5.00 -4.74 3.53
CA HIS A 27 -3.92 -4.53 4.43
C HIS A 27 -4.28 -3.52 5.43
N CYS A 28 -4.08 -3.88 6.61
CA CYS A 28 -4.13 -2.97 7.68
C CYS A 28 -2.71 -2.73 7.97
N GLY A 29 -2.25 -1.59 7.65
CA GLY A 29 -0.90 -1.29 7.78
C GLY A 29 -0.52 -1.06 9.17
N SER A 30 0.73 -1.13 9.41
CA SER A 30 1.31 -0.84 10.70
C SER A 30 0.99 0.61 11.11
N ASP A 31 0.69 1.46 10.09
CA ASP A 31 0.36 2.86 10.26
C ASP A 31 -1.09 2.99 10.63
N GLY A 32 -1.71 1.87 10.86
CA GLY A 32 -3.05 1.85 11.34
C GLY A 32 -4.02 1.82 10.24
N GLN A 33 -3.60 2.36 9.14
CA GLN A 33 -4.46 2.49 7.99
C GLN A 33 -4.77 1.23 7.29
N THR A 34 -5.94 1.17 6.79
CA THR A 34 -6.40 0.02 6.03
C THR A 34 -6.76 0.40 4.61
N TYR A 35 -6.31 -0.39 3.67
CA TYR A 35 -6.71 -0.24 2.31
C TYR A 35 -7.07 -1.56 1.68
N GLY A 36 -7.94 -1.47 0.69
CA GLY A 36 -8.48 -2.61 -0.03
C GLY A 36 -7.47 -3.40 -0.84
N ASN A 37 -6.51 -2.72 -1.46
CA ASN A 37 -5.47 -3.41 -2.18
C ASN A 37 -4.19 -2.68 -1.94
N LYS A 38 -3.09 -3.20 -2.43
CA LYS A 38 -1.81 -2.59 -2.14
C LYS A 38 -1.67 -1.24 -2.77
N CYS A 39 -2.18 -1.13 -3.91
CA CYS A 39 -2.15 0.11 -4.70
C CYS A 39 -2.86 1.21 -3.99
N ALA A 40 -3.90 0.82 -3.38
CA ALA A 40 -4.76 1.68 -2.62
C ALA A 40 -4.00 2.28 -1.44
N PHE A 41 -3.13 1.49 -0.88
CA PHE A 41 -2.35 1.89 0.28
C PHE A 41 -1.02 2.49 -0.15
N CYS A 42 -0.58 2.11 -1.30
CA CYS A 42 0.76 2.40 -1.82
C CYS A 42 1.07 3.85 -1.75
N LYS A 43 0.19 4.65 -2.24
CA LYS A 43 0.37 6.04 -2.31
C LYS A 43 0.35 6.71 -0.99
N ALA A 44 -0.34 6.13 -0.17
CA ALA A 44 -0.47 6.57 1.18
C ALA A 44 0.72 6.16 1.98
N ILE A 45 1.36 5.07 1.58
CA ILE A 45 2.58 4.65 2.25
C ILE A 45 3.55 5.70 2.01
N VAL A 46 3.52 6.10 0.81
CA VAL A 46 4.29 7.18 0.31
C VAL A 46 4.00 8.47 1.07
N LYS A 47 2.76 8.66 1.46
CA LYS A 47 2.37 9.90 2.08
C LYS A 47 2.69 9.93 3.54
N SER A 48 2.51 8.83 4.16
CA SER A 48 2.69 8.74 5.57
C SER A 48 4.19 8.56 5.93
N GLY A 49 5.04 8.20 4.96
CA GLY A 49 6.40 8.14 5.24
C GLY A 49 7.11 6.89 4.86
N GLY A 50 6.41 5.98 4.30
CA GLY A 50 7.00 4.72 3.98
C GLY A 50 7.14 3.87 5.21
N LYS A 51 6.58 4.37 6.34
CA LYS A 51 6.58 3.66 7.61
C LYS A 51 5.93 2.32 7.44
N ILE A 52 4.91 2.34 6.60
CA ILE A 52 3.99 1.27 6.51
C ILE A 52 4.64 -0.05 6.13
N SER A 53 4.24 -0.98 6.89
CA SER A 53 4.48 -2.36 6.76
C SER A 53 3.15 -2.93 7.13
N LEU A 54 2.98 -4.18 7.10
CA LEU A 54 1.80 -4.68 7.41
C LEU A 54 1.61 -5.06 8.86
N LYS A 55 0.42 -4.77 9.34
CA LYS A 55 -0.03 -5.19 10.54
C LYS A 55 -0.87 -6.45 10.34
N HIS A 56 -1.82 -6.36 9.47
CA HIS A 56 -2.80 -7.44 9.27
C HIS A 56 -3.15 -7.63 7.82
N PRO A 57 -3.27 -8.89 7.37
CA PRO A 57 -3.87 -9.18 6.09
C PRO A 57 -5.39 -9.07 6.28
N GLY A 58 -5.95 -8.07 5.70
CA GLY A 58 -7.32 -7.76 5.95
C GLY A 58 -7.38 -6.41 6.59
N LYS A 59 -8.56 -5.88 6.78
CA LYS A 59 -8.71 -4.65 7.44
C LYS A 59 -8.52 -4.81 8.93
N CYS A 60 -8.50 -3.71 9.58
CA CYS A 60 -8.61 -3.71 11.00
C CYS A 60 -10.08 -3.56 11.33
N GLN A 4 -3.12 -2.32 -9.50
CA GLN A 4 -4.49 -2.63 -9.87
C GLN A 4 -5.12 -1.39 -10.45
N GLY A 5 -5.97 -1.56 -11.44
CA GLY A 5 -6.52 -0.42 -12.15
C GLY A 5 -5.49 0.10 -13.12
N GLY A 6 -4.48 0.74 -12.58
CA GLY A 6 -3.38 1.18 -13.34
C GLY A 6 -2.28 0.16 -13.24
N GLN A 7 -1.47 0.05 -14.27
CA GLN A 7 -0.38 -0.92 -14.32
C GLN A 7 0.87 -0.39 -13.60
N VAL A 8 0.65 0.14 -12.45
CA VAL A 8 1.69 0.67 -11.62
C VAL A 8 1.88 -0.21 -10.43
N ASP A 9 3.11 -0.50 -10.13
CA ASP A 9 3.46 -1.21 -8.95
C ASP A 9 4.55 -0.42 -8.27
N CYS A 10 4.33 -0.10 -7.00
CA CYS A 10 5.30 0.47 -6.07
C CYS A 10 6.75 0.21 -6.43
N GLY A 11 7.08 -1.03 -6.74
CA GLY A 11 8.43 -1.43 -7.18
C GLY A 11 9.56 -1.02 -6.23
N GLU A 12 9.94 0.26 -6.31
CA GLU A 12 10.99 0.83 -5.51
C GLU A 12 10.45 0.92 -4.09
N PHE A 13 9.15 1.31 -4.01
CA PHE A 13 8.34 1.18 -2.82
C PHE A 13 8.63 2.22 -1.78
N GLN A 14 9.44 3.13 -2.12
CA GLN A 14 9.66 4.28 -1.31
C GLN A 14 9.47 5.52 -2.11
N ASP A 15 9.34 5.35 -3.36
CA ASP A 15 9.23 6.46 -4.18
C ASP A 15 7.83 6.80 -4.46
N THR A 16 7.58 7.96 -4.08
CA THR A 16 6.35 8.67 -4.10
C THR A 16 5.51 8.54 -5.39
N LYS A 17 6.12 8.16 -6.49
CA LYS A 17 5.47 8.08 -7.76
C LYS A 17 4.94 6.70 -8.01
N VAL A 18 5.63 5.77 -7.50
CA VAL A 18 5.41 4.41 -7.77
C VAL A 18 4.59 3.78 -6.66
N TYR A 19 3.31 3.74 -6.83
CA TYR A 19 2.48 3.11 -5.86
C TYR A 19 1.37 2.25 -6.43
N CYS A 20 0.69 1.59 -5.51
CA CYS A 20 -0.19 0.52 -5.78
C CYS A 20 0.53 -0.69 -6.34
N THR A 21 -0.13 -1.79 -6.36
CA THR A 21 0.49 -3.01 -6.70
C THR A 21 -0.46 -3.93 -7.39
N ARG A 22 0.09 -5.02 -7.80
CA ARG A 22 -0.63 -6.08 -8.48
C ARG A 22 -1.57 -6.75 -7.49
N GLU A 23 -1.27 -6.56 -6.24
CA GLU A 23 -1.99 -7.21 -5.17
C GLU A 23 -3.31 -6.53 -4.80
N SER A 24 -4.36 -7.33 -4.91
CA SER A 24 -5.76 -6.97 -4.62
C SER A 24 -6.12 -7.41 -3.18
N ASN A 25 -5.10 -7.65 -2.47
CA ASN A 25 -5.11 -8.15 -1.08
C ASN A 25 -5.51 -7.02 -0.09
N PRO A 26 -6.71 -7.11 0.54
CA PRO A 26 -7.21 -6.08 1.53
C PRO A 26 -6.28 -5.93 2.75
N HIS A 27 -6.13 -4.70 3.24
CA HIS A 27 -5.13 -4.36 4.26
C HIS A 27 -5.60 -3.20 5.05
N CYS A 28 -5.52 -3.35 6.30
CA CYS A 28 -5.73 -2.29 7.22
C CYS A 28 -4.36 -1.94 7.63
N GLY A 29 -3.86 -0.87 7.15
CA GLY A 29 -2.50 -0.61 7.35
C GLY A 29 -2.20 0.07 8.61
N SER A 30 -0.93 0.30 8.86
CA SER A 30 -0.54 1.07 10.00
C SER A 30 -0.79 2.59 9.69
N ASP A 31 -1.39 2.81 8.48
CA ASP A 31 -1.96 4.07 7.98
C ASP A 31 -3.15 4.35 8.86
N GLY A 32 -3.58 3.30 9.51
CA GLY A 32 -4.68 3.32 10.38
C GLY A 32 -5.85 2.82 9.65
N GLN A 33 -5.85 3.11 8.39
CA GLN A 33 -6.96 2.85 7.53
C GLN A 33 -6.96 1.56 6.85
N THR A 34 -8.13 1.17 6.50
CA THR A 34 -8.34 -0.01 5.71
C THR A 34 -8.47 0.37 4.28
N TYR A 35 -7.72 -0.26 3.48
CA TYR A 35 -7.78 -0.08 2.11
C TYR A 35 -8.22 -1.35 1.50
N GLY A 36 -8.92 -1.21 0.42
CA GLY A 36 -9.53 -2.34 -0.28
C GLY A 36 -8.52 -3.35 -0.73
N ASN A 37 -7.30 -2.90 -0.96
CA ASN A 37 -6.25 -3.77 -1.36
C ASN A 37 -4.92 -3.13 -1.08
N LYS A 38 -3.87 -3.90 -1.25
CA LYS A 38 -2.52 -3.45 -1.00
C LYS A 38 -2.15 -2.36 -1.93
N CYS A 39 -2.68 -2.45 -3.06
CA CYS A 39 -2.58 -1.43 -4.08
C CYS A 39 -2.92 -0.03 -3.48
N ALA A 40 -4.04 0.02 -2.90
CA ALA A 40 -4.61 1.19 -2.28
C ALA A 40 -3.78 1.65 -1.08
N PHE A 41 -3.34 0.71 -0.29
CA PHE A 41 -2.55 0.99 0.94
C PHE A 41 -1.03 1.14 0.70
N CYS A 42 -0.54 0.68 -0.42
CA CYS A 42 0.90 0.62 -0.68
C CYS A 42 1.49 1.97 -0.65
N LYS A 43 0.71 2.95 -1.04
CA LYS A 43 1.14 4.27 -1.24
C LYS A 43 1.60 4.91 0.00
N ALA A 44 0.96 4.50 0.98
CA ALA A 44 1.19 4.96 2.30
C ALA A 44 2.54 4.53 2.71
N ILE A 45 2.85 3.31 2.33
CA ILE A 45 4.05 2.71 2.71
C ILE A 45 5.15 3.38 1.99
N VAL A 46 4.95 3.45 0.73
CA VAL A 46 5.88 3.99 -0.23
C VAL A 46 6.30 5.38 0.17
N LYS A 47 5.33 6.20 0.41
CA LYS A 47 5.57 7.60 0.64
C LYS A 47 6.25 7.84 1.96
N SER A 48 5.98 7.00 2.88
CA SER A 48 6.67 7.04 4.14
C SER A 48 7.94 6.13 4.13
N GLY A 49 8.36 5.67 2.96
CA GLY A 49 9.59 4.99 2.84
C GLY A 49 9.58 3.52 3.00
N GLY A 50 8.46 2.98 3.12
CA GLY A 50 8.36 1.58 3.38
C GLY A 50 8.27 1.34 4.85
N LYS A 51 8.39 2.43 5.61
CA LYS A 51 8.34 2.36 7.05
C LYS A 51 6.98 2.01 7.64
N ILE A 52 5.91 2.35 6.96
CA ILE A 52 4.58 1.90 7.42
C ILE A 52 4.40 0.44 7.06
N SER A 53 3.66 -0.26 7.85
CA SER A 53 3.48 -1.67 7.71
C SER A 53 2.01 -1.93 7.81
N LEU A 54 1.62 -3.15 7.75
CA LEU A 54 0.35 -3.53 7.89
C LEU A 54 -0.08 -3.75 9.32
N LYS A 55 -1.28 -3.33 9.61
CA LYS A 55 -1.92 -3.62 10.81
C LYS A 55 -2.62 -4.97 10.72
N HIS A 56 -3.48 -5.09 9.76
CA HIS A 56 -4.32 -6.29 9.62
C HIS A 56 -4.45 -6.67 8.18
N PRO A 57 -4.35 -7.97 7.86
CA PRO A 57 -4.73 -8.45 6.55
C PRO A 57 -6.26 -8.47 6.51
N GLY A 58 -6.83 -7.60 5.75
CA GLY A 58 -8.23 -7.42 5.77
C GLY A 58 -8.59 -6.11 6.41
N LYS A 59 -9.85 -5.88 6.61
CA LYS A 59 -10.35 -4.71 7.23
C LYS A 59 -10.02 -4.54 8.68
N CYS A 60 -10.35 -3.37 9.08
CA CYS A 60 -10.59 -3.02 10.41
C CYS A 60 -12.08 -2.73 10.43
N GLN A 4 6.45 5.17 -11.32
CA GLN A 4 5.60 4.72 -12.40
C GLN A 4 6.45 4.56 -13.65
N GLY A 5 6.92 3.36 -13.89
CA GLY A 5 7.75 3.12 -15.05
C GLY A 5 7.17 2.10 -16.01
N GLY A 6 6.31 1.24 -15.50
CA GLY A 6 5.71 0.23 -16.35
C GLY A 6 4.57 -0.42 -15.66
N GLN A 7 4.89 -1.10 -14.57
CA GLN A 7 3.90 -1.67 -13.71
C GLN A 7 3.34 -0.56 -12.86
N VAL A 8 2.44 -0.88 -12.00
CA VAL A 8 1.95 0.16 -11.13
C VAL A 8 2.88 0.31 -9.93
N ASP A 9 4.03 0.88 -10.20
CA ASP A 9 4.97 1.25 -9.19
C ASP A 9 4.58 2.65 -8.75
N CYS A 10 3.75 2.64 -7.72
CA CYS A 10 2.94 3.74 -7.19
C CYS A 10 3.36 5.13 -7.39
N GLY A 11 3.11 5.61 -8.64
CA GLY A 11 3.34 6.97 -9.06
C GLY A 11 4.75 7.38 -8.90
N GLU A 12 5.06 7.64 -7.69
CA GLU A 12 6.31 8.06 -7.27
C GLU A 12 7.18 6.85 -6.95
N PHE A 13 6.55 5.74 -6.43
CA PHE A 13 7.29 4.50 -6.02
C PHE A 13 8.48 4.88 -5.12
N GLN A 14 8.19 5.78 -4.28
CA GLN A 14 9.14 6.41 -3.31
C GLN A 14 9.96 5.43 -2.55
N ASP A 15 9.35 4.39 -2.28
CA ASP A 15 9.90 3.36 -1.57
C ASP A 15 9.73 2.05 -2.33
N THR A 16 10.56 1.21 -1.97
CA THR A 16 10.84 -0.08 -2.49
C THR A 16 9.63 -1.03 -2.73
N LYS A 17 8.78 -1.26 -1.73
CA LYS A 17 7.80 -2.26 -1.84
C LYS A 17 6.47 -1.67 -2.31
N VAL A 18 6.48 -0.40 -2.66
CA VAL A 18 5.27 0.29 -2.91
C VAL A 18 4.80 0.17 -4.37
N TYR A 19 4.29 -0.97 -4.68
CA TYR A 19 3.70 -1.26 -5.95
C TYR A 19 2.32 -1.82 -5.62
N CYS A 20 1.37 -1.63 -6.45
CA CYS A 20 0.08 -2.15 -6.14
C CYS A 20 -0.35 -3.24 -7.08
N THR A 21 -1.51 -3.74 -6.82
CA THR A 21 -2.11 -4.77 -7.58
C THR A 21 -3.55 -4.44 -7.77
N ARG A 22 -4.14 -5.21 -8.58
CA ARG A 22 -5.53 -5.10 -8.93
C ARG A 22 -6.32 -6.09 -8.11
N GLU A 23 -5.60 -7.03 -7.54
CA GLU A 23 -6.21 -8.02 -6.65
C GLU A 23 -6.54 -7.39 -5.32
N SER A 24 -7.37 -8.04 -4.55
CA SER A 24 -7.77 -7.51 -3.32
C SER A 24 -6.97 -8.06 -2.18
N ASN A 25 -6.09 -7.27 -1.75
CA ASN A 25 -5.22 -7.58 -0.65
C ASN A 25 -5.58 -6.68 0.52
N PRO A 26 -6.48 -7.12 1.42
CA PRO A 26 -6.89 -6.29 2.56
C PRO A 26 -5.71 -6.03 3.48
N HIS A 27 -5.43 -4.78 3.76
CA HIS A 27 -4.25 -4.41 4.49
C HIS A 27 -4.53 -3.32 5.42
N CYS A 28 -4.21 -3.59 6.60
CA CYS A 28 -4.16 -2.66 7.64
C CYS A 28 -2.71 -2.35 7.73
N GLY A 29 -2.33 -1.21 7.28
CA GLY A 29 -0.95 -0.88 7.24
C GLY A 29 -0.40 -0.64 8.61
N SER A 30 0.88 -0.74 8.73
CA SER A 30 1.60 -0.41 9.97
C SER A 30 1.29 1.01 10.47
N ASP A 31 0.82 1.87 9.55
CA ASP A 31 0.37 3.22 9.90
C ASP A 31 -1.04 3.20 10.38
N GLY A 32 -1.52 1.99 10.61
CA GLY A 32 -2.82 1.78 11.20
C GLY A 32 -3.89 1.78 10.18
N GLN A 33 -3.62 2.48 9.13
CA GLN A 33 -4.59 2.65 8.11
C GLN A 33 -4.85 1.47 7.24
N THR A 34 -6.10 1.21 7.13
CA THR A 34 -6.60 0.06 6.41
C THR A 34 -7.26 0.45 5.10
N TYR A 35 -6.92 -0.28 4.09
CA TYR A 35 -7.60 -0.21 2.86
C TYR A 35 -7.94 -1.59 2.35
N GLY A 36 -8.81 -1.58 1.39
CA GLY A 36 -9.32 -2.79 0.74
C GLY A 36 -8.26 -3.58 -0.01
N ASN A 37 -7.35 -2.91 -0.68
CA ASN A 37 -6.29 -3.61 -1.35
C ASN A 37 -5.02 -2.81 -1.22
N LYS A 38 -3.93 -3.34 -1.74
CA LYS A 38 -2.64 -2.69 -1.59
C LYS A 38 -2.57 -1.39 -2.31
N CYS A 39 -3.14 -1.38 -3.44
CA CYS A 39 -3.20 -0.20 -4.31
C CYS A 39 -3.92 0.92 -3.64
N ALA A 40 -4.90 0.54 -2.96
CA ALA A 40 -5.77 1.43 -2.23
C ALA A 40 -5.00 2.26 -1.19
N PHE A 41 -4.07 1.65 -0.51
CA PHE A 41 -3.26 2.36 0.51
C PHE A 41 -1.87 2.69 -0.04
N CYS A 42 -1.62 2.26 -1.25
CA CYS A 42 -0.30 2.35 -1.87
C CYS A 42 0.20 3.75 -1.94
N LYS A 43 -0.66 4.69 -2.26
CA LYS A 43 -0.25 6.04 -2.54
C LYS A 43 0.06 6.73 -1.28
N ALA A 44 -0.55 6.25 -0.32
CA ALA A 44 -0.39 6.74 0.99
C ALA A 44 0.85 6.21 1.62
N ILE A 45 1.27 5.04 1.19
CA ILE A 45 2.50 4.49 1.69
C ILE A 45 3.57 5.35 1.18
N VAL A 46 3.36 5.69 -0.03
CA VAL A 46 4.18 6.63 -0.74
C VAL A 46 4.24 7.96 0.00
N LYS A 47 3.14 8.37 0.56
CA LYS A 47 3.09 9.66 1.18
C LYS A 47 3.61 9.62 2.60
N SER A 48 3.30 8.57 3.25
CA SER A 48 3.68 8.38 4.60
C SER A 48 5.07 7.71 4.73
N GLY A 49 5.88 7.80 3.67
CA GLY A 49 7.26 7.47 3.76
C GLY A 49 7.69 6.11 3.41
N GLY A 50 6.79 5.29 2.98
CA GLY A 50 7.11 3.91 2.68
C GLY A 50 7.36 3.10 3.94
N LYS A 51 7.22 3.78 5.10
CA LYS A 51 7.29 3.14 6.41
C LYS A 51 6.32 2.01 6.52
N ILE A 52 5.27 2.11 5.77
CA ILE A 52 4.21 1.19 5.84
C ILE A 52 4.65 -0.20 5.41
N SER A 53 4.26 -1.08 6.22
CA SER A 53 4.38 -2.48 6.08
C SER A 53 3.06 -2.96 6.55
N LEU A 54 2.84 -4.20 6.64
CA LEU A 54 1.67 -4.61 7.08
C LEU A 54 1.57 -4.81 8.57
N LYS A 55 0.45 -4.40 9.09
CA LYS A 55 0.06 -4.59 10.40
C LYS A 55 -0.87 -5.77 10.48
N HIS A 56 -1.71 -5.86 9.51
CA HIS A 56 -2.70 -6.92 9.53
C HIS A 56 -3.33 -7.11 8.16
N PRO A 57 -3.52 -8.36 7.72
CA PRO A 57 -4.29 -8.63 6.54
C PRO A 57 -5.76 -8.54 6.90
N GLY A 58 -6.40 -7.54 6.42
CA GLY A 58 -7.77 -7.30 6.78
C GLY A 58 -7.87 -6.12 7.70
N LYS A 59 -9.08 -5.66 7.91
CA LYS A 59 -9.39 -4.56 8.77
C LYS A 59 -8.80 -4.52 10.12
N CYS A 60 -8.73 -3.33 10.50
CA CYS A 60 -8.51 -2.90 11.83
C CYS A 60 -9.68 -2.02 12.10
N GLN A 4 8.28 1.37 -11.84
CA GLN A 4 8.96 1.89 -13.03
C GLN A 4 8.04 1.86 -14.23
N GLY A 5 8.25 2.80 -15.15
CA GLY A 5 7.48 2.84 -16.40
C GLY A 5 6.04 3.24 -16.20
N GLY A 6 5.20 2.89 -17.17
CA GLY A 6 3.78 3.18 -17.09
C GLY A 6 3.09 2.12 -16.25
N GLN A 7 3.38 2.19 -14.99
CA GLN A 7 2.91 1.26 -14.03
C GLN A 7 1.54 1.64 -13.47
N VAL A 8 1.07 0.78 -12.60
CA VAL A 8 -0.16 0.97 -11.87
C VAL A 8 0.08 1.99 -10.73
N ASP A 9 -1.00 2.66 -10.25
CA ASP A 9 -0.88 3.81 -9.34
C ASP A 9 -0.36 3.61 -7.91
N CYS A 10 0.86 3.42 -7.89
CA CYS A 10 1.70 3.80 -6.79
C CYS A 10 2.68 4.76 -7.37
N GLY A 11 2.13 5.69 -8.16
CA GLY A 11 2.89 6.63 -8.95
C GLY A 11 3.73 7.58 -8.15
N GLU A 12 3.43 7.70 -6.86
CA GLU A 12 4.22 8.52 -6.00
C GLU A 12 5.58 7.86 -5.73
N PHE A 13 5.63 6.52 -5.93
CA PHE A 13 6.87 5.77 -6.11
C PHE A 13 7.78 5.82 -4.89
N GLN A 14 7.29 5.26 -3.84
CA GLN A 14 8.09 5.03 -2.65
C GLN A 14 9.37 4.28 -2.92
N ASP A 15 9.18 3.24 -3.58
CA ASP A 15 10.15 2.37 -4.01
C ASP A 15 9.82 2.11 -5.48
N THR A 16 10.75 1.60 -6.13
CA THR A 16 10.82 1.47 -7.57
C THR A 16 9.84 0.42 -8.17
N LYS A 17 9.64 -0.68 -7.46
CA LYS A 17 8.86 -1.76 -7.97
C LYS A 17 7.42 -1.72 -7.46
N VAL A 18 7.05 -0.64 -6.82
CA VAL A 18 5.76 -0.55 -6.17
C VAL A 18 4.73 0.05 -7.10
N TYR A 19 3.77 -0.77 -7.43
CA TYR A 19 2.61 -0.42 -8.18
C TYR A 19 1.44 -1.05 -7.42
N CYS A 20 0.26 -0.46 -7.49
CA CYS A 20 -0.81 -0.96 -6.67
C CYS A 20 -1.44 -2.22 -7.21
N THR A 21 -2.24 -2.81 -6.38
CA THR A 21 -2.87 -4.06 -6.63
C THR A 21 -4.06 -3.98 -7.50
N ARG A 22 -4.27 -5.05 -8.17
CA ARG A 22 -5.46 -5.29 -8.94
C ARG A 22 -6.23 -6.40 -8.23
N GLU A 23 -5.56 -6.99 -7.26
CA GLU A 23 -6.07 -8.01 -6.41
C GLU A 23 -6.58 -7.34 -5.15
N SER A 24 -7.17 -8.09 -4.26
CA SER A 24 -7.54 -7.55 -3.00
C SER A 24 -6.48 -7.90 -1.98
N ASN A 25 -5.82 -6.90 -1.57
CA ASN A 25 -4.73 -7.01 -0.61
C ASN A 25 -5.15 -6.37 0.71
N PRO A 26 -5.69 -7.13 1.65
CA PRO A 26 -6.15 -6.59 2.90
C PRO A 26 -5.05 -6.53 3.97
N HIS A 27 -4.86 -5.36 4.50
CA HIS A 27 -3.87 -5.05 5.51
C HIS A 27 -4.35 -3.91 6.30
N CYS A 28 -4.32 -4.10 7.54
CA CYS A 28 -4.61 -3.10 8.47
C CYS A 28 -3.30 -2.56 8.83
N GLY A 29 -3.04 -1.37 8.43
CA GLY A 29 -1.77 -0.82 8.64
C GLY A 29 -1.57 -0.47 10.07
N SER A 30 -0.36 -0.25 10.42
CA SER A 30 0.02 0.25 11.75
C SER A 30 -0.59 1.65 12.00
N ASP A 31 -1.16 2.20 10.93
CA ASP A 31 -1.88 3.44 10.90
C ASP A 31 -3.22 3.24 11.55
N GLY A 32 -3.61 2.00 11.54
CA GLY A 32 -4.88 1.64 12.06
C GLY A 32 -5.81 1.41 10.94
N GLN A 33 -5.53 2.06 9.85
CA GLN A 33 -6.37 1.91 8.70
C GLN A 33 -6.19 0.68 7.93
N THR A 34 -7.27 0.19 7.48
CA THR A 34 -7.30 -1.03 6.72
C THR A 34 -7.56 -0.74 5.26
N TYR A 35 -6.71 -1.23 4.42
CA TYR A 35 -6.91 -1.11 3.03
C TYR A 35 -7.42 -2.40 2.44
N GLY A 36 -8.44 -2.25 1.60
CA GLY A 36 -9.03 -3.39 0.91
C GLY A 36 -8.09 -3.93 -0.14
N ASN A 37 -7.34 -3.05 -0.74
CA ASN A 37 -6.32 -3.42 -1.63
C ASN A 37 -5.22 -2.44 -1.41
N LYS A 38 -4.06 -2.68 -1.92
CA LYS A 38 -2.93 -1.83 -1.59
C LYS A 38 -3.05 -0.53 -2.26
N CYS A 39 -3.62 -0.60 -3.37
CA CYS A 39 -3.94 0.57 -4.20
C CYS A 39 -4.71 1.60 -3.46
N ALA A 40 -5.55 1.11 -2.60
CA ALA A 40 -6.43 1.91 -1.76
C ALA A 40 -5.67 3.03 -1.08
N PHE A 41 -4.54 2.70 -0.46
CA PHE A 41 -3.72 3.78 0.10
C PHE A 41 -2.23 3.54 0.05
N CYS A 42 -1.79 3.02 -1.07
CA CYS A 42 -0.38 2.81 -1.36
C CYS A 42 0.37 4.11 -1.35
N LYS A 43 -0.28 5.14 -1.85
CA LYS A 43 0.34 6.44 -2.09
C LYS A 43 0.56 7.07 -0.80
N ALA A 44 -0.28 6.72 0.05
CA ALA A 44 -0.26 7.18 1.41
C ALA A 44 0.87 6.53 2.19
N ILE A 45 1.23 5.34 1.80
CA ILE A 45 2.35 4.65 2.41
C ILE A 45 3.54 5.36 1.94
N VAL A 46 3.47 5.66 0.71
CA VAL A 46 4.44 6.49 0.04
C VAL A 46 4.49 7.89 0.70
N LYS A 47 3.35 8.35 1.23
CA LYS A 47 3.28 9.65 1.88
C LYS A 47 4.05 9.66 3.16
N SER A 48 3.89 8.60 3.89
CA SER A 48 4.60 8.42 5.11
C SER A 48 6.09 8.19 4.80
N GLY A 49 6.35 7.35 3.82
CA GLY A 49 7.64 7.00 3.49
C GLY A 49 7.88 5.54 3.48
N GLY A 50 6.81 4.81 3.47
CA GLY A 50 6.87 3.38 3.55
C GLY A 50 6.98 2.98 4.99
N LYS A 51 6.98 4.00 5.85
CA LYS A 51 7.08 3.80 7.28
C LYS A 51 5.87 3.10 7.86
N ILE A 52 4.74 3.18 7.20
CA ILE A 52 3.59 2.48 7.71
C ILE A 52 3.82 0.99 7.53
N SER A 53 3.65 0.32 8.58
CA SER A 53 3.88 -1.08 8.66
C SER A 53 2.55 -1.74 8.79
N LEU A 54 2.52 -3.03 8.90
CA LEU A 54 1.40 -3.67 9.07
C LEU A 54 1.06 -3.98 10.51
N LYS A 55 -0.20 -3.86 10.82
CA LYS A 55 -0.72 -4.23 12.01
C LYS A 55 -1.40 -5.60 11.90
N HIS A 56 -2.13 -5.77 10.85
CA HIS A 56 -2.90 -7.03 10.63
C HIS A 56 -2.84 -7.50 9.20
N PRO A 57 -2.58 -8.80 8.98
CA PRO A 57 -2.83 -9.41 7.69
C PRO A 57 -4.33 -9.58 7.59
N GLY A 58 -4.94 -8.82 6.74
CA GLY A 58 -6.37 -8.75 6.73
C GLY A 58 -6.76 -7.43 7.35
N LYS A 59 -8.01 -7.24 7.57
CA LYS A 59 -8.48 -6.06 8.18
C LYS A 59 -8.30 -6.08 9.67
N CYS A 60 -8.58 -4.97 10.26
CA CYS A 60 -8.74 -4.90 11.67
C CYS A 60 -10.17 -5.27 11.99
N GLN A 4 -9.00 6.56 -0.79
CA GLN A 4 -9.61 6.30 -2.11
C GLN A 4 -8.73 5.33 -2.86
N GLY A 5 -9.28 4.72 -3.91
CA GLY A 5 -8.56 3.70 -4.68
C GLY A 5 -7.45 4.26 -5.56
N GLY A 6 -7.18 3.58 -6.64
CA GLY A 6 -6.11 3.98 -7.52
C GLY A 6 -4.90 3.11 -7.28
N GLN A 7 -4.90 1.97 -7.91
CA GLN A 7 -3.86 0.99 -7.80
C GLN A 7 -2.53 1.46 -8.44
N VAL A 8 -1.61 1.85 -7.60
CA VAL A 8 -0.31 2.31 -8.02
C VAL A 8 0.75 1.30 -7.67
N ASP A 9 1.61 1.03 -8.61
CA ASP A 9 2.77 0.23 -8.36
C ASP A 9 3.86 1.22 -8.03
N CYS A 10 4.30 1.22 -6.81
CA CYS A 10 5.15 2.28 -6.28
C CYS A 10 6.58 2.19 -6.68
N GLY A 11 6.83 2.59 -7.86
CA GLY A 11 8.12 2.72 -8.29
C GLY A 11 8.42 4.15 -8.54
N GLU A 12 7.60 5.01 -7.92
CA GLU A 12 7.70 6.31 -8.09
C GLU A 12 8.47 6.96 -6.98
N PHE A 13 8.08 6.70 -5.73
CA PHE A 13 8.65 7.55 -4.67
C PHE A 13 9.19 6.93 -3.43
N GLN A 14 8.75 5.78 -3.06
CA GLN A 14 9.39 5.13 -1.93
C GLN A 14 10.85 4.94 -2.23
N ASP A 15 10.98 4.50 -3.40
CA ASP A 15 12.10 4.13 -4.11
C ASP A 15 11.47 3.78 -5.42
N THR A 16 12.16 3.15 -6.24
CA THR A 16 11.63 2.70 -7.47
C THR A 16 11.25 1.20 -7.36
N LYS A 17 11.89 0.52 -6.41
CA LYS A 17 11.69 -0.89 -6.24
C LYS A 17 10.69 -1.29 -5.14
N VAL A 18 9.92 -0.37 -4.59
CA VAL A 18 8.97 -0.76 -3.56
C VAL A 18 7.59 -0.95 -4.17
N TYR A 19 7.44 -2.02 -4.88
CA TYR A 19 6.27 -2.30 -5.65
C TYR A 19 5.10 -2.80 -4.79
N CYS A 20 4.01 -2.93 -5.44
CA CYS A 20 2.81 -3.38 -4.85
C CYS A 20 2.45 -4.77 -5.33
N THR A 21 1.30 -5.18 -4.95
CA THR A 21 0.72 -6.40 -5.39
C THR A 21 -0.63 -6.09 -5.74
N ARG A 22 -1.06 -6.77 -6.65
CA ARG A 22 -2.29 -6.47 -7.36
C ARG A 22 -3.20 -7.65 -7.31
N GLU A 23 -2.76 -8.64 -6.61
CA GLU A 23 -3.49 -9.83 -6.44
C GLU A 23 -4.51 -9.61 -5.30
N SER A 24 -5.11 -10.66 -4.87
CA SER A 24 -6.15 -10.67 -3.83
C SER A 24 -5.56 -10.50 -2.41
N ASN A 25 -4.51 -9.80 -2.34
CA ASN A 25 -3.73 -9.58 -1.10
C ASN A 25 -4.16 -8.29 -0.39
N PRO A 26 -5.11 -8.34 0.56
CA PRO A 26 -5.61 -7.15 1.21
C PRO A 26 -4.65 -6.69 2.30
N HIS A 27 -4.72 -5.44 2.65
CA HIS A 27 -3.79 -4.82 3.57
C HIS A 27 -4.52 -3.82 4.35
N CYS A 28 -4.41 -3.96 5.59
CA CYS A 28 -4.88 -3.03 6.51
C CYS A 28 -3.69 -2.32 6.96
N GLY A 29 -3.56 -1.09 6.59
CA GLY A 29 -2.41 -0.35 6.94
C GLY A 29 -2.41 -0.03 8.39
N SER A 30 -1.27 0.35 8.89
CA SER A 30 -1.13 0.79 10.29
C SER A 30 -1.93 2.08 10.52
N ASP A 31 -2.41 2.63 9.42
CA ASP A 31 -3.27 3.78 9.35
C ASP A 31 -4.62 3.40 9.85
N GLY A 32 -4.91 2.17 9.67
CA GLY A 32 -6.18 1.70 10.01
C GLY A 32 -6.95 1.39 8.79
N GLN A 33 -6.54 2.02 7.72
CA GLN A 33 -7.21 1.78 6.46
C GLN A 33 -6.94 0.46 5.83
N THR A 34 -8.00 -0.09 5.33
CA THR A 34 -7.93 -1.33 4.61
C THR A 34 -8.12 -1.09 3.15
N TYR A 35 -7.22 -1.60 2.39
CA TYR A 35 -7.33 -1.55 1.00
C TYR A 35 -7.23 -2.93 0.42
N GLY A 36 -7.87 -3.07 -0.71
CA GLY A 36 -8.00 -4.34 -1.43
C GLY A 36 -6.72 -5.09 -1.64
N ASN A 37 -5.66 -4.37 -1.93
CA ASN A 37 -4.36 -4.97 -2.12
C ASN A 37 -3.29 -3.96 -1.84
N LYS A 38 -2.03 -4.37 -1.97
CA LYS A 38 -0.91 -3.43 -1.71
C LYS A 38 -0.95 -2.22 -2.60
N CYS A 39 -1.16 -2.46 -3.83
CA CYS A 39 -1.24 -1.43 -4.91
C CYS A 39 -2.19 -0.33 -4.56
N ALA A 40 -3.21 -0.75 -3.94
CA ALA A 40 -4.32 0.07 -3.55
C ALA A 40 -3.92 1.17 -2.54
N PHE A 41 -3.15 0.81 -1.51
CA PHE A 41 -2.80 1.79 -0.46
C PHE A 41 -1.31 2.12 -0.47
N CYS A 42 -0.58 1.50 -1.35
CA CYS A 42 0.88 1.59 -1.44
C CYS A 42 1.30 2.98 -1.61
N LYS A 43 0.66 3.64 -2.50
CA LYS A 43 0.98 4.93 -2.93
C LYS A 43 0.93 5.94 -1.90
N ALA A 44 0.07 5.73 -1.05
CA ALA A 44 -0.14 6.58 0.07
C ALA A 44 0.90 6.34 1.08
N ILE A 45 1.37 5.10 1.16
CA ILE A 45 2.40 4.77 2.11
C ILE A 45 3.61 5.51 1.71
N VAL A 46 3.77 5.50 0.44
CA VAL A 46 4.78 6.22 -0.25
C VAL A 46 4.68 7.70 0.05
N LYS A 47 3.48 8.20 0.19
CA LYS A 47 3.30 9.61 0.37
C LYS A 47 3.61 10.01 1.79
N SER A 48 3.31 9.14 2.67
CA SER A 48 3.64 9.31 4.06
C SER A 48 5.04 8.73 4.39
N GLY A 49 5.89 8.56 3.37
CA GLY A 49 7.26 8.23 3.56
C GLY A 49 7.55 6.82 3.92
N GLY A 50 6.60 5.98 3.78
CA GLY A 50 6.76 4.62 4.17
C GLY A 50 6.66 4.49 5.65
N LYS A 51 6.31 5.59 6.32
CA LYS A 51 6.07 5.55 7.73
C LYS A 51 4.83 4.76 8.06
N ILE A 52 3.89 4.71 7.14
CA ILE A 52 2.79 3.83 7.33
C ILE A 52 3.26 2.45 6.98
N SER A 53 2.94 1.54 7.78
CA SER A 53 3.31 0.19 7.63
C SER A 53 2.05 -0.61 7.57
N LEU A 54 2.15 -1.87 7.47
CA LEU A 54 1.08 -2.66 7.51
C LEU A 54 0.70 -3.06 8.91
N LYS A 55 -0.58 -3.10 9.15
CA LYS A 55 -1.11 -3.58 10.32
C LYS A 55 -1.26 -5.06 10.19
N HIS A 56 -1.80 -5.46 9.06
CA HIS A 56 -1.91 -6.89 8.72
C HIS A 56 -2.55 -7.09 7.36
N PRO A 57 -2.26 -8.23 6.71
CA PRO A 57 -2.94 -8.62 5.48
C PRO A 57 -4.40 -8.96 5.78
N GLY A 58 -5.24 -8.72 4.84
CA GLY A 58 -6.65 -8.92 5.04
C GLY A 58 -7.26 -7.65 5.54
N LYS A 59 -8.57 -7.52 5.41
CA LYS A 59 -9.22 -6.40 5.96
C LYS A 59 -9.19 -6.47 7.45
N CYS A 60 -9.29 -5.36 8.01
CA CYS A 60 -9.30 -5.30 9.42
C CYS A 60 -10.59 -4.70 9.92
N GLN A 4 8.40 -4.96 -12.55
CA GLN A 4 8.69 -4.84 -11.12
C GLN A 4 8.43 -6.24 -10.61
N GLY A 5 7.96 -6.42 -9.36
CA GLY A 5 7.57 -7.78 -8.91
C GLY A 5 6.46 -8.30 -9.82
N GLY A 6 5.65 -7.37 -10.27
CA GLY A 6 4.68 -7.61 -11.28
C GLY A 6 4.61 -6.35 -12.09
N GLN A 7 3.44 -5.75 -12.12
CA GLN A 7 3.25 -4.46 -12.76
C GLN A 7 3.86 -3.37 -11.90
N VAL A 8 3.68 -2.16 -12.30
CA VAL A 8 4.06 -1.03 -11.50
C VAL A 8 3.05 -0.88 -10.39
N ASP A 9 3.50 -1.07 -9.19
CA ASP A 9 2.74 -0.77 -7.99
C ASP A 9 3.62 0.03 -7.11
N CYS A 10 3.19 1.22 -6.70
CA CYS A 10 3.91 1.94 -5.66
C CYS A 10 4.20 1.08 -4.44
N GLY A 11 3.27 1.05 -3.52
CA GLY A 11 3.41 0.33 -2.29
C GLY A 11 4.57 0.78 -1.46
N GLU A 12 5.68 0.24 -1.80
CA GLU A 12 6.92 0.36 -1.12
C GLU A 12 7.77 1.40 -1.83
N PHE A 13 7.25 1.89 -2.90
CA PHE A 13 7.89 2.74 -3.79
C PHE A 13 7.40 4.13 -3.60
N GLN A 14 8.03 4.60 -2.67
CA GLN A 14 8.14 5.94 -2.08
C GLN A 14 8.12 7.07 -3.08
N ASP A 15 8.44 6.74 -4.24
CA ASP A 15 8.44 7.64 -5.30
C ASP A 15 7.03 7.74 -5.75
N THR A 16 6.62 8.89 -5.72
CA THR A 16 5.23 9.22 -5.86
C THR A 16 4.72 9.06 -7.29
N LYS A 17 5.62 8.96 -8.23
CA LYS A 17 5.24 8.74 -9.59
C LYS A 17 5.17 7.23 -9.92
N VAL A 18 5.35 6.42 -8.90
CA VAL A 18 5.19 5.00 -9.00
C VAL A 18 3.79 4.76 -8.52
N TYR A 19 2.98 4.16 -9.31
CA TYR A 19 1.60 3.98 -8.92
C TYR A 19 1.23 2.57 -8.73
N CYS A 20 0.16 2.42 -8.02
CA CYS A 20 -0.34 1.19 -7.48
C CYS A 20 -1.00 0.26 -8.49
N THR A 21 -1.20 -0.95 -8.06
CA THR A 21 -1.94 -1.93 -8.77
C THR A 21 -3.39 -1.82 -8.36
N ARG A 22 -4.16 -2.56 -9.03
CA ARG A 22 -5.55 -2.62 -8.79
C ARG A 22 -5.82 -3.74 -7.84
N GLU A 23 -4.82 -4.61 -7.69
CA GLU A 23 -4.94 -5.82 -6.90
C GLU A 23 -5.50 -5.71 -5.52
N SER A 24 -6.42 -6.62 -5.32
CA SER A 24 -7.39 -6.80 -4.24
C SER A 24 -6.76 -7.20 -2.89
N ASN A 25 -5.54 -6.88 -2.74
CA ASN A 25 -4.76 -7.23 -1.54
C ASN A 25 -5.21 -6.43 -0.29
N PRO A 26 -5.92 -7.08 0.66
CA PRO A 26 -6.42 -6.40 1.84
C PRO A 26 -5.36 -6.28 2.94
N HIS A 27 -5.35 -5.16 3.62
CA HIS A 27 -4.31 -4.86 4.58
C HIS A 27 -4.85 -3.99 5.64
N CYS A 28 -4.66 -4.42 6.80
CA CYS A 28 -4.93 -3.66 7.95
C CYS A 28 -3.60 -3.06 8.27
N GLY A 29 -3.40 -1.84 7.87
CA GLY A 29 -2.09 -1.32 7.91
C GLY A 29 -1.76 -0.78 9.24
N SER A 30 -0.50 -0.50 9.45
CA SER A 30 -0.08 0.14 10.64
C SER A 30 -0.44 1.66 10.55
N ASP A 31 -1.15 1.98 9.44
CA ASP A 31 -1.81 3.25 9.10
C ASP A 31 -2.98 3.37 10.04
N GLY A 32 -3.26 2.24 10.66
CA GLY A 32 -4.33 2.13 11.56
C GLY A 32 -5.48 1.56 10.84
N GLN A 33 -5.56 1.96 9.63
CA GLN A 33 -6.65 1.68 8.79
C GLN A 33 -6.52 0.47 7.96
N THR A 34 -7.66 -0.02 7.62
CA THR A 34 -7.77 -1.15 6.75
C THR A 34 -8.00 -0.67 5.36
N TYR A 35 -7.22 -1.19 4.47
CA TYR A 35 -7.33 -0.88 3.12
C TYR A 35 -7.65 -2.10 2.33
N GLY A 36 -8.51 -1.90 1.38
CA GLY A 36 -9.04 -2.96 0.57
C GLY A 36 -8.08 -3.52 -0.43
N ASN A 37 -7.17 -2.71 -0.94
CA ASN A 37 -6.26 -3.21 -1.93
C ASN A 37 -4.86 -2.63 -1.73
N LYS A 38 -3.92 -3.09 -2.53
CA LYS A 38 -2.49 -2.73 -2.42
C LYS A 38 -2.28 -1.26 -2.61
N CYS A 39 -2.97 -0.76 -3.52
CA CYS A 39 -2.98 0.65 -3.86
C CYS A 39 -3.36 1.50 -2.68
N ALA A 40 -4.35 1.04 -2.01
CA ALA A 40 -4.96 1.76 -0.92
C ALA A 40 -4.00 1.85 0.27
N PHE A 41 -3.31 0.79 0.53
CA PHE A 41 -2.35 0.72 1.64
C PHE A 41 -0.97 1.27 1.23
N CYS A 42 -0.79 1.47 -0.02
CA CYS A 42 0.45 1.94 -0.60
C CYS A 42 0.79 3.28 -0.10
N LYS A 43 -0.16 4.15 -0.08
CA LYS A 43 0.10 5.52 0.10
C LYS A 43 0.58 5.80 1.45
N ALA A 44 0.13 5.00 2.28
CA ALA A 44 0.44 5.00 3.65
C ALA A 44 1.89 4.79 3.79
N ILE A 45 2.39 3.89 2.98
CA ILE A 45 3.74 3.52 3.09
C ILE A 45 4.60 4.59 2.49
N VAL A 46 4.27 4.88 1.29
CA VAL A 46 4.98 5.79 0.41
C VAL A 46 5.08 7.20 0.98
N LYS A 47 4.11 7.59 1.71
CA LYS A 47 4.08 8.93 2.21
C LYS A 47 4.69 9.08 3.55
N SER A 48 4.57 8.06 4.33
CA SER A 48 5.21 8.05 5.61
C SER A 48 6.71 7.93 5.42
N GLY A 49 7.13 7.13 4.45
CA GLY A 49 8.46 6.90 4.23
C GLY A 49 8.84 5.49 4.35
N GLY A 50 7.88 4.62 4.10
CA GLY A 50 8.13 3.22 4.27
C GLY A 50 8.01 2.83 5.71
N LYS A 51 7.83 3.85 6.56
CA LYS A 51 7.70 3.64 7.99
C LYS A 51 6.46 2.85 8.36
N ILE A 52 5.43 2.93 7.55
CA ILE A 52 4.25 2.17 7.84
C ILE A 52 4.38 0.78 7.31
N SER A 53 3.89 -0.11 8.09
CA SER A 53 3.97 -1.49 7.87
C SER A 53 2.57 -2.02 7.93
N LEU A 54 2.41 -3.28 7.79
CA LEU A 54 1.24 -3.88 7.90
C LEU A 54 1.02 -4.50 9.26
N LYS A 55 -0.20 -4.40 9.77
CA LYS A 55 -0.55 -5.20 10.90
C LYS A 55 -0.90 -6.56 10.42
N HIS A 56 -1.86 -6.57 9.55
CA HIS A 56 -2.51 -7.85 9.17
C HIS A 56 -2.91 -7.85 7.72
N PRO A 57 -2.72 -8.98 7.02
CA PRO A 57 -3.28 -9.15 5.70
C PRO A 57 -4.77 -9.45 5.87
N GLY A 58 -5.58 -8.52 5.50
CA GLY A 58 -6.98 -8.61 5.75
C GLY A 58 -7.41 -7.44 6.58
N LYS A 59 -8.69 -7.29 6.75
CA LYS A 59 -9.23 -6.23 7.53
C LYS A 59 -9.10 -6.45 9.03
N CYS A 60 -9.50 -5.45 9.69
CA CYS A 60 -9.60 -5.35 11.12
C CYS A 60 -10.96 -4.80 11.38
N GLN A 4 3.87 3.15 -14.21
CA GLN A 4 2.49 3.25 -14.61
C GLN A 4 2.34 2.62 -15.97
N GLY A 5 1.75 1.44 -16.01
CA GLY A 5 1.59 0.75 -17.26
C GLY A 5 0.28 0.01 -17.30
N GLY A 6 -0.77 0.72 -17.60
CA GLY A 6 -2.09 0.12 -17.62
C GLY A 6 -2.66 0.11 -16.23
N GLN A 7 -2.07 -0.70 -15.40
CA GLN A 7 -2.42 -0.76 -14.03
C GLN A 7 -1.52 0.22 -13.27
N VAL A 8 -1.83 0.45 -12.03
CA VAL A 8 -1.04 1.32 -11.23
C VAL A 8 0.12 0.59 -10.63
N ASP A 9 1.24 1.23 -10.66
CA ASP A 9 2.40 0.83 -9.95
C ASP A 9 2.88 2.03 -9.21
N CYS A 10 3.20 1.87 -7.95
CA CYS A 10 3.78 2.95 -7.19
C CYS A 10 5.22 3.17 -7.59
N GLY A 11 5.36 3.78 -8.76
CA GLY A 11 6.64 4.14 -9.32
C GLY A 11 7.29 5.28 -8.59
N GLU A 12 6.54 5.87 -7.67
CA GLU A 12 7.04 6.86 -6.79
C GLU A 12 8.07 6.17 -5.89
N PHE A 13 7.66 4.97 -5.41
CA PHE A 13 8.53 3.97 -4.75
C PHE A 13 9.46 4.56 -3.69
N GLN A 14 8.87 5.41 -2.94
CA GLN A 14 9.49 6.09 -1.79
C GLN A 14 10.32 5.19 -0.96
N ASP A 15 9.75 4.12 -0.71
CA ASP A 15 10.28 3.08 -0.02
C ASP A 15 10.06 1.87 -0.87
N THR A 16 10.93 1.00 -0.71
CA THR A 16 11.05 -0.25 -1.36
C THR A 16 9.82 -1.18 -1.24
N LYS A 17 9.01 -1.08 -0.17
CA LYS A 17 7.94 -2.00 -0.03
C LYS A 17 6.71 -1.47 -0.75
N VAL A 18 6.82 -0.27 -1.26
CA VAL A 18 5.68 0.44 -1.74
C VAL A 18 5.47 0.32 -3.25
N TYR A 19 4.93 -0.78 -3.62
CA TYR A 19 4.45 -1.08 -4.94
C TYR A 19 3.12 -1.77 -4.72
N CYS A 20 2.17 -1.55 -5.56
CA CYS A 20 0.87 -2.09 -5.34
C CYS A 20 0.56 -3.22 -6.28
N THR A 21 -0.60 -3.74 -6.12
CA THR A 21 -1.11 -4.79 -6.92
C THR A 21 -2.48 -4.42 -7.37
N ARG A 22 -2.94 -5.20 -8.25
CA ARG A 22 -4.23 -5.05 -8.87
C ARG A 22 -5.21 -5.95 -8.19
N GLU A 23 -4.67 -6.95 -7.55
CA GLU A 23 -5.47 -7.94 -6.90
C GLU A 23 -5.88 -7.44 -5.55
N SER A 24 -7.01 -7.91 -5.07
CA SER A 24 -7.47 -7.43 -3.81
C SER A 24 -6.86 -8.15 -2.66
N ASN A 25 -5.89 -7.52 -2.16
CA ASN A 25 -5.13 -7.97 -1.04
C ASN A 25 -5.41 -7.05 0.13
N PRO A 26 -6.22 -7.48 1.10
CA PRO A 26 -6.54 -6.65 2.25
C PRO A 26 -5.33 -6.51 3.16
N HIS A 27 -5.10 -5.33 3.64
CA HIS A 27 -3.96 -5.01 4.44
C HIS A 27 -4.32 -4.01 5.47
N CYS A 28 -4.00 -4.36 6.64
CA CYS A 28 -4.11 -3.51 7.78
C CYS A 28 -2.78 -2.86 7.92
N GLY A 29 -2.70 -1.64 7.53
CA GLY A 29 -1.47 -0.94 7.56
C GLY A 29 -0.99 -0.73 8.95
N SER A 30 0.26 -0.46 9.06
CA SER A 30 0.92 -0.12 10.32
C SER A 30 0.19 1.06 10.99
N ASP A 31 -0.44 1.90 10.16
CA ASP A 31 -1.27 3.00 10.61
C ASP A 31 -2.41 2.45 11.38
N GLY A 32 -2.97 1.45 10.82
CA GLY A 32 -4.16 0.92 11.35
C GLY A 32 -5.17 0.90 10.30
N GLN A 33 -4.88 1.65 9.29
CA GLN A 33 -5.79 1.71 8.18
C GLN A 33 -5.81 0.50 7.37
N THR A 34 -6.98 0.13 7.07
CA THR A 34 -7.19 -1.04 6.29
C THR A 34 -7.51 -0.65 4.88
N TYR A 35 -6.71 -1.12 4.00
CA TYR A 35 -6.89 -0.90 2.65
C TYR A 35 -7.27 -2.18 1.92
N GLY A 36 -8.27 -2.04 1.05
CA GLY A 36 -8.85 -3.15 0.29
C GLY A 36 -7.86 -3.89 -0.55
N ASN A 37 -6.97 -3.17 -1.16
CA ASN A 37 -5.89 -3.75 -1.85
C ASN A 37 -4.72 -2.87 -1.56
N LYS A 38 -3.56 -3.27 -1.90
CA LYS A 38 -2.39 -2.50 -1.52
C LYS A 38 -2.32 -1.17 -2.21
N CYS A 39 -2.74 -1.19 -3.38
CA CYS A 39 -2.74 -0.02 -4.25
C CYS A 39 -3.60 1.08 -3.71
N ALA A 40 -4.62 0.63 -3.08
CA ALA A 40 -5.62 1.46 -2.44
C ALA A 40 -4.98 2.48 -1.53
N PHE A 41 -3.99 2.06 -0.75
CA PHE A 41 -3.35 3.03 0.15
C PHE A 41 -1.85 3.21 -0.16
N CYS A 42 -1.35 2.47 -1.14
CA CYS A 42 0.08 2.45 -1.55
C CYS A 42 0.61 3.82 -1.80
N LYS A 43 -0.09 4.54 -2.59
CA LYS A 43 0.27 5.83 -3.04
C LYS A 43 0.31 6.85 -1.98
N ALA A 44 -0.43 6.60 -1.04
CA ALA A 44 -0.52 7.40 0.14
C ALA A 44 0.55 7.04 1.11
N ILE A 45 1.01 5.78 1.05
CA ILE A 45 2.11 5.37 1.90
C ILE A 45 3.26 6.12 1.45
N VAL A 46 3.31 6.20 0.17
CA VAL A 46 4.23 6.99 -0.57
C VAL A 46 4.20 8.42 -0.09
N LYS A 47 3.00 8.93 0.11
CA LYS A 47 2.83 10.34 0.43
C LYS A 47 3.33 10.65 1.80
N SER A 48 3.16 9.73 2.67
CA SER A 48 3.62 9.91 4.01
C SER A 48 5.13 9.61 4.14
N GLY A 49 5.75 9.05 3.09
CA GLY A 49 7.11 8.78 3.14
C GLY A 49 7.52 7.39 2.75
N GLY A 50 6.60 6.50 2.80
CA GLY A 50 6.90 5.11 2.58
C GLY A 50 7.05 4.41 3.91
N LYS A 51 6.89 5.21 4.96
CA LYS A 51 7.00 4.76 6.33
C LYS A 51 5.98 3.70 6.70
N ILE A 52 4.82 3.77 6.10
CA ILE A 52 3.78 2.83 6.42
C ILE A 52 4.14 1.46 5.87
N SER A 53 3.91 0.52 6.67
CA SER A 53 4.18 -0.85 6.40
C SER A 53 2.93 -1.61 6.75
N LEU A 54 2.94 -2.87 6.61
CA LEU A 54 1.89 -3.62 6.91
C LEU A 54 1.94 -4.25 8.29
N LYS A 55 0.78 -4.30 8.93
CA LYS A 55 0.63 -5.14 10.08
C LYS A 55 0.17 -6.48 9.64
N HIS A 56 -0.93 -6.45 9.01
CA HIS A 56 -1.70 -7.69 8.80
C HIS A 56 -2.26 -7.79 7.42
N PRO A 57 -2.29 -9.01 6.85
CA PRO A 57 -3.09 -9.28 5.68
C PRO A 57 -4.53 -9.49 6.15
N GLY A 58 -5.37 -8.56 5.84
CA GLY A 58 -6.72 -8.58 6.31
C GLY A 58 -7.02 -7.31 7.05
N LYS A 59 -8.29 -7.06 7.29
CA LYS A 59 -8.75 -5.94 8.05
C LYS A 59 -8.23 -5.77 9.44
N CYS A 60 -8.43 -4.57 9.83
CA CYS A 60 -8.48 -4.11 11.17
C CYS A 60 -9.75 -3.25 11.18
N GLN A 4 1.34 7.12 -12.66
CA GLN A 4 2.17 6.90 -13.87
C GLN A 4 1.17 6.57 -15.00
N GLY A 5 1.64 6.21 -16.19
CA GLY A 5 0.74 5.84 -17.28
C GLY A 5 1.09 4.47 -17.84
N GLY A 6 0.08 3.58 -17.89
CA GLY A 6 0.26 2.21 -18.35
C GLY A 6 1.14 1.45 -17.40
N GLN A 7 0.76 1.49 -16.17
CA GLN A 7 1.56 1.02 -15.11
C GLN A 7 0.77 0.21 -14.08
N VAL A 8 1.52 -0.35 -13.17
CA VAL A 8 1.03 -0.84 -11.90
C VAL A 8 1.42 0.27 -10.95
N ASP A 9 0.51 0.83 -10.19
CA ASP A 9 0.86 2.11 -9.60
C ASP A 9 1.21 2.17 -8.13
N CYS A 10 2.46 1.99 -7.89
CA CYS A 10 3.08 2.56 -6.71
C CYS A 10 4.09 3.54 -7.21
N GLY A 11 3.69 4.26 -8.25
CA GLY A 11 4.53 5.21 -8.92
C GLY A 11 4.71 6.47 -8.15
N GLU A 12 4.07 6.52 -6.97
CA GLU A 12 4.30 7.58 -6.05
C GLU A 12 5.71 7.38 -5.46
N PHE A 13 6.18 6.11 -5.56
CA PHE A 13 7.57 5.76 -5.41
C PHE A 13 8.10 5.82 -4.01
N GLN A 14 7.74 4.84 -3.28
CA GLN A 14 8.36 4.59 -2.02
C GLN A 14 9.76 4.08 -2.19
N ASP A 15 9.81 3.13 -2.99
CA ASP A 15 10.94 2.52 -3.49
C ASP A 15 10.59 2.19 -4.93
N THR A 16 11.55 2.08 -5.71
CA THR A 16 11.45 1.87 -7.14
C THR A 16 10.95 0.46 -7.50
N LYS A 17 11.27 -0.49 -6.67
CA LYS A 17 10.92 -1.88 -6.93
C LYS A 17 9.49 -2.19 -6.48
N VAL A 18 8.79 -1.19 -6.03
CA VAL A 18 7.50 -1.37 -5.48
C VAL A 18 6.42 -0.99 -6.46
N TYR A 19 5.64 -1.95 -6.77
CA TYR A 19 4.46 -1.79 -7.57
C TYR A 19 3.33 -2.29 -6.70
N CYS A 20 2.14 -2.00 -7.05
CA CYS A 20 1.04 -2.40 -6.25
C CYS A 20 0.46 -3.73 -6.67
N THR A 21 -0.53 -4.14 -5.95
CA THR A 21 -1.19 -5.38 -6.11
C THR A 21 -2.25 -5.37 -7.16
N ARG A 22 -2.50 -6.52 -7.67
CA ARG A 22 -3.64 -6.75 -8.53
C ARG A 22 -4.60 -7.67 -7.78
N GLU A 23 -4.10 -8.19 -6.66
CA GLU A 23 -4.84 -9.10 -5.84
C GLU A 23 -5.51 -8.30 -4.76
N SER A 24 -6.58 -8.81 -4.20
CA SER A 24 -7.21 -8.11 -3.11
C SER A 24 -6.66 -8.58 -1.79
N ASN A 25 -5.89 -7.74 -1.21
CA ASN A 25 -5.24 -7.99 0.04
C ASN A 25 -5.81 -7.09 1.12
N PRO A 26 -6.76 -7.57 1.93
CA PRO A 26 -7.30 -6.75 2.99
C PRO A 26 -6.30 -6.60 4.13
N HIS A 27 -6.00 -5.39 4.46
CA HIS A 27 -5.02 -5.06 5.41
C HIS A 27 -5.35 -3.74 5.99
N CYS A 28 -5.20 -3.66 7.22
CA CYS A 28 -5.37 -2.46 7.94
C CYS A 28 -4.00 -2.07 8.34
N GLY A 29 -3.51 -1.03 7.76
CA GLY A 29 -2.18 -0.62 8.03
C GLY A 29 -2.06 -0.07 9.40
N SER A 30 -0.86 0.02 9.87
CA SER A 30 -0.53 0.64 11.18
C SER A 30 -1.07 2.08 11.27
N ASP A 31 -1.37 2.67 10.11
CA ASP A 31 -2.00 3.97 9.98
C ASP A 31 -3.37 3.92 10.56
N GLY A 32 -3.94 2.77 10.45
CA GLY A 32 -5.29 2.60 10.84
C GLY A 32 -6.13 2.44 9.64
N GLN A 33 -5.55 2.80 8.52
CA GLN A 33 -6.25 2.67 7.28
C GLN A 33 -6.36 1.29 6.80
N THR A 34 -7.51 1.01 6.36
CA THR A 34 -7.81 -0.28 5.80
C THR A 34 -8.03 -0.13 4.34
N TYR A 35 -7.38 -0.93 3.58
CA TYR A 35 -7.60 -0.95 2.20
C TYR A 35 -7.72 -2.33 1.66
N GLY A 36 -8.37 -2.37 0.55
CA GLY A 36 -8.65 -3.59 -0.16
C GLY A 36 -7.45 -4.24 -0.82
N ASN A 37 -6.38 -3.48 -1.07
CA ASN A 37 -5.18 -4.05 -1.64
C ASN A 37 -4.04 -3.10 -1.41
N LYS A 38 -2.82 -3.51 -1.72
CA LYS A 38 -1.63 -2.69 -1.44
C LYS A 38 -1.64 -1.42 -2.21
N CYS A 39 -2.07 -1.52 -3.39
CA CYS A 39 -2.19 -0.37 -4.32
C CYS A 39 -2.99 0.73 -3.68
N ALA A 40 -4.03 0.29 -3.07
CA ALA A 40 -5.00 1.15 -2.43
C ALA A 40 -4.39 1.96 -1.25
N PHE A 41 -3.56 1.31 -0.48
CA PHE A 41 -2.93 1.94 0.70
C PHE A 41 -1.48 2.32 0.46
N CYS A 42 -1.01 2.14 -0.76
CA CYS A 42 0.40 2.28 -1.09
C CYS A 42 0.86 3.66 -0.82
N LYS A 43 0.03 4.59 -1.15
CA LYS A 43 0.29 5.99 -1.10
C LYS A 43 0.53 6.51 0.28
N ALA A 44 -0.07 5.89 1.13
CA ALA A 44 0.05 6.19 2.51
C ALA A 44 1.39 5.72 2.98
N ILE A 45 1.81 4.59 2.43
CA ILE A 45 3.03 3.97 2.84
C ILE A 45 4.17 4.77 2.36
N VAL A 46 4.02 5.14 1.13
CA VAL A 46 4.97 5.93 0.39
C VAL A 46 5.34 7.18 1.15
N LYS A 47 4.33 7.88 1.57
CA LYS A 47 4.50 9.16 2.22
C LYS A 47 5.18 9.04 3.55
N SER A 48 4.85 8.02 4.23
CA SER A 48 5.43 7.76 5.52
C SER A 48 6.76 6.96 5.40
N GLY A 49 7.29 6.87 4.19
CA GLY A 49 8.57 6.32 4.01
C GLY A 49 8.65 4.84 3.98
N GLY A 50 7.54 4.22 3.84
CA GLY A 50 7.50 2.78 3.85
C GLY A 50 7.58 2.28 5.26
N LYS A 51 7.61 3.20 6.21
CA LYS A 51 7.69 2.85 7.61
C LYS A 51 6.40 2.24 8.14
N ILE A 52 5.30 2.49 7.48
CA ILE A 52 4.05 1.89 7.92
C ILE A 52 4.05 0.39 7.61
N SER A 53 3.50 -0.34 8.52
CA SER A 53 3.41 -1.76 8.45
C SER A 53 1.95 -2.13 8.57
N LEU A 54 1.66 -3.37 8.67
CA LEU A 54 0.41 -3.79 8.87
C LEU A 54 0.01 -3.91 10.34
N LYS A 55 -1.21 -3.54 10.61
CA LYS A 55 -1.80 -3.66 11.83
C LYS A 55 -2.70 -4.87 11.89
N HIS A 56 -3.43 -5.08 10.85
CA HIS A 56 -4.40 -6.20 10.80
C HIS A 56 -4.39 -6.88 9.47
N PRO A 57 -4.33 -8.21 9.46
CA PRO A 57 -4.65 -8.95 8.27
C PRO A 57 -6.18 -8.91 8.19
N GLY A 58 -6.68 -8.19 7.23
CA GLY A 58 -8.07 -7.91 7.20
C GLY A 58 -8.30 -6.46 7.57
N LYS A 59 -9.52 -6.03 7.53
CA LYS A 59 -9.87 -4.69 7.89
C LYS A 59 -9.77 -4.44 9.39
N CYS A 60 -9.87 -3.19 9.70
CA CYS A 60 -10.09 -2.78 11.04
C CYS A 60 -11.58 -2.61 11.21
N GLN A 4 9.87 -0.42 -7.95
CA GLN A 4 9.18 -1.29 -8.91
C GLN A 4 10.12 -1.74 -9.99
N GLY A 5 9.58 -2.49 -10.93
CA GLY A 5 10.30 -2.96 -12.09
C GLY A 5 9.33 -2.85 -13.24
N GLY A 6 8.28 -3.62 -13.15
CA GLY A 6 7.17 -3.45 -14.05
C GLY A 6 6.29 -2.38 -13.46
N GLN A 7 5.78 -1.50 -14.27
CA GLN A 7 5.04 -0.38 -13.78
C GLN A 7 3.56 -0.66 -13.49
N VAL A 8 3.25 -0.75 -12.23
CA VAL A 8 1.91 -0.72 -11.74
C VAL A 8 1.77 0.68 -11.20
N ASP A 9 0.63 1.31 -11.27
CA ASP A 9 0.65 2.70 -10.94
C ASP A 9 0.35 3.05 -9.52
N CYS A 10 1.33 2.89 -8.73
CA CYS A 10 1.43 3.66 -7.55
C CYS A 10 2.57 4.57 -7.79
N GLY A 11 2.33 5.49 -8.76
CA GLY A 11 3.31 6.48 -9.23
C GLY A 11 3.66 7.49 -8.18
N GLU A 12 2.99 7.36 -7.07
CA GLU A 12 3.26 8.08 -5.88
C GLU A 12 4.69 7.66 -5.47
N PHE A 13 4.90 6.32 -5.55
CA PHE A 13 6.24 5.62 -5.65
C PHE A 13 7.31 6.14 -4.68
N GLN A 14 6.89 6.51 -3.57
CA GLN A 14 7.75 6.99 -2.46
C GLN A 14 8.81 6.02 -2.03
N ASP A 15 8.55 4.85 -2.36
CA ASP A 15 9.35 3.78 -2.12
C ASP A 15 9.17 2.84 -3.29
N THR A 16 10.05 1.95 -3.40
CA THR A 16 10.14 1.05 -4.52
C THR A 16 9.02 0.00 -4.51
N LYS A 17 8.62 -0.43 -3.33
CA LYS A 17 7.60 -1.45 -3.16
C LYS A 17 6.17 -0.90 -3.31
N VAL A 18 6.05 0.34 -3.74
CA VAL A 18 4.76 0.96 -3.88
C VAL A 18 4.21 0.75 -5.30
N TYR A 19 3.61 -0.38 -5.46
CA TYR A 19 2.88 -0.81 -6.63
C TYR A 19 1.64 -1.48 -6.07
N CYS A 20 0.56 -1.50 -6.76
CA CYS A 20 -0.63 -2.06 -6.20
C CYS A 20 -1.12 -3.31 -6.91
N THR A 21 -2.26 -3.74 -6.45
CA THR A 21 -2.99 -4.84 -6.97
C THR A 21 -4.37 -4.36 -7.17
N ARG A 22 -5.09 -5.10 -7.90
CA ARG A 22 -6.45 -4.76 -8.28
C ARG A 22 -7.39 -5.68 -7.56
N GLU A 23 -6.81 -6.76 -7.09
CA GLU A 23 -7.47 -7.73 -6.34
C GLU A 23 -7.69 -7.16 -4.95
N SER A 24 -8.76 -7.51 -4.30
CA SER A 24 -9.02 -6.95 -3.02
C SER A 24 -8.26 -7.65 -1.92
N ASN A 25 -7.13 -7.13 -1.73
CA ASN A 25 -6.20 -7.54 -0.73
C ASN A 25 -6.15 -6.43 0.30
N PRO A 26 -6.91 -6.53 1.39
CA PRO A 26 -6.94 -5.48 2.38
C PRO A 26 -5.66 -5.42 3.17
N HIS A 27 -5.32 -4.27 3.61
CA HIS A 27 -4.09 -4.03 4.31
C HIS A 27 -4.34 -3.11 5.44
N CYS A 28 -4.02 -3.59 6.56
CA CYS A 28 -4.01 -2.83 7.74
C CYS A 28 -2.59 -2.43 7.90
N GLY A 29 -2.28 -1.23 7.54
CA GLY A 29 -0.94 -0.82 7.51
C GLY A 29 -0.41 -0.56 8.85
N SER A 30 0.88 -0.45 8.94
CA SER A 30 1.53 -0.09 10.19
C SER A 30 1.15 1.34 10.62
N ASP A 31 0.44 2.03 9.73
CA ASP A 31 -0.12 3.35 9.93
C ASP A 31 -1.40 3.21 10.70
N GLY A 32 -1.81 1.98 10.85
CA GLY A 32 -3.02 1.68 11.55
C GLY A 32 -4.15 1.62 10.60
N GLN A 33 -4.00 2.34 9.54
CA GLN A 33 -5.01 2.42 8.55
C GLN A 33 -5.18 1.22 7.70
N THR A 34 -6.41 0.90 7.53
CA THR A 34 -6.81 -0.23 6.72
C THR A 34 -7.38 0.25 5.42
N TYR A 35 -6.88 -0.29 4.36
CA TYR A 35 -7.39 -0.03 3.07
C TYR A 35 -7.80 -1.30 2.37
N GLY A 36 -8.84 -1.18 1.57
CA GLY A 36 -9.47 -2.29 0.84
C GLY A 36 -8.56 -3.11 -0.04
N ASN A 37 -7.64 -2.47 -0.71
CA ASN A 37 -6.67 -3.17 -1.51
C ASN A 37 -5.36 -2.44 -1.41
N LYS A 38 -4.31 -2.96 -1.98
CA LYS A 38 -3.00 -2.33 -1.83
C LYS A 38 -2.91 -1.00 -2.52
N CYS A 39 -3.61 -0.90 -3.55
CA CYS A 39 -3.69 0.33 -4.36
C CYS A 39 -4.26 1.45 -3.54
N ALA A 40 -5.20 1.07 -2.76
CA ALA A 40 -5.88 1.93 -1.83
C ALA A 40 -4.92 2.26 -0.69
N PHE A 41 -4.09 1.33 -0.39
CA PHE A 41 -3.08 1.47 0.64
C PHE A 41 -1.78 2.18 0.12
N CYS A 42 -1.63 2.36 -1.19
CA CYS A 42 -0.41 2.97 -1.76
C CYS A 42 -0.15 4.34 -1.22
N LYS A 43 -1.12 5.21 -1.30
CA LYS A 43 -1.02 6.58 -0.89
C LYS A 43 -0.81 6.69 0.56
N ALA A 44 -1.37 5.79 1.17
CA ALA A 44 -1.28 5.58 2.59
C ALA A 44 0.13 5.20 2.98
N ILE A 45 0.85 4.61 2.07
CA ILE A 45 2.27 4.31 2.30
C ILE A 45 3.06 5.56 2.02
N VAL A 46 2.67 6.13 0.96
CA VAL A 46 3.21 7.36 0.39
C VAL A 46 3.21 8.51 1.39
N LYS A 47 2.17 8.55 2.21
CA LYS A 47 1.99 9.61 3.21
C LYS A 47 3.17 9.71 4.17
N SER A 48 3.86 8.63 4.33
CA SER A 48 5.00 8.64 5.17
C SER A 48 6.20 7.94 4.53
N GLY A 49 6.57 8.43 3.36
CA GLY A 49 7.77 8.06 2.73
C GLY A 49 7.82 6.74 2.06
N GLY A 50 6.76 6.03 2.10
CA GLY A 50 6.75 4.75 1.53
C GLY A 50 7.37 3.72 2.46
N LYS A 51 7.80 4.20 3.58
CA LYS A 51 8.44 3.42 4.58
C LYS A 51 7.49 2.62 5.44
N ILE A 52 6.22 2.97 5.39
CA ILE A 52 5.21 2.21 6.13
C ILE A 52 5.16 0.75 5.62
N SER A 53 4.81 -0.12 6.51
CA SER A 53 4.75 -1.53 6.25
C SER A 53 3.38 -2.02 6.62
N LEU A 54 3.12 -3.26 6.43
CA LEU A 54 1.95 -3.82 6.75
C LEU A 54 1.89 -4.47 8.12
N LYS A 55 0.76 -4.31 8.77
CA LYS A 55 0.46 -5.10 9.95
C LYS A 55 -0.22 -6.33 9.58
N HIS A 56 -1.22 -6.17 8.83
CA HIS A 56 -2.11 -7.29 8.59
C HIS A 56 -2.75 -7.25 7.22
N PRO A 57 -2.73 -8.38 6.49
CA PRO A 57 -3.52 -8.52 5.28
C PRO A 57 -4.96 -8.77 5.72
N GLY A 58 -5.78 -7.81 5.51
CA GLY A 58 -7.10 -7.83 6.01
C GLY A 58 -7.28 -6.64 6.90
N LYS A 59 -8.50 -6.32 7.23
CA LYS A 59 -8.80 -5.27 8.14
C LYS A 59 -8.26 -5.43 9.50
N CYS A 60 -8.28 -4.33 10.14
CA CYS A 60 -8.25 -4.22 11.53
C CYS A 60 -9.63 -3.66 11.84
N GLN A 4 5.73 1.41 -14.62
CA GLN A 4 6.04 2.75 -15.08
C GLN A 4 5.82 2.76 -16.56
N GLY A 5 4.93 3.61 -17.05
CA GLY A 5 4.55 3.55 -18.47
C GLY A 5 3.61 2.38 -18.65
N GLY A 6 3.03 2.03 -17.54
CA GLY A 6 2.17 0.90 -17.38
C GLY A 6 2.10 0.68 -15.91
N GLN A 7 1.11 -0.02 -15.43
CA GLN A 7 0.94 -0.13 -14.01
C GLN A 7 1.92 -1.15 -13.43
N VAL A 8 2.37 -0.86 -12.26
CA VAL A 8 3.19 -1.71 -11.47
C VAL A 8 2.71 -1.44 -10.08
N ASP A 9 2.80 -2.37 -9.19
CA ASP A 9 2.30 -2.08 -7.89
C ASP A 9 3.37 -1.47 -7.02
N CYS A 10 3.23 -0.16 -6.84
CA CYS A 10 4.10 0.64 -6.05
C CYS A 10 5.56 0.81 -6.43
N GLY A 11 6.17 -0.23 -6.98
CA GLY A 11 7.52 -0.16 -7.56
C GLY A 11 8.58 0.43 -6.67
N GLU A 12 8.72 1.75 -6.76
CA GLU A 12 9.70 2.48 -6.03
C GLU A 12 9.36 2.51 -4.55
N PHE A 13 8.04 2.47 -4.26
CA PHE A 13 7.49 2.16 -2.95
C PHE A 13 7.67 3.28 -1.94
N GLN A 14 8.29 4.32 -2.38
CA GLN A 14 8.43 5.55 -1.63
C GLN A 14 8.08 6.71 -2.53
N ASP A 15 7.83 6.37 -3.73
CA ASP A 15 7.68 7.30 -4.81
C ASP A 15 6.32 7.99 -4.81
N THR A 16 5.98 8.46 -5.92
CA THR A 16 4.80 9.25 -6.14
C THR A 16 4.09 8.87 -7.44
N LYS A 17 4.81 8.27 -8.37
CA LYS A 17 4.25 7.80 -9.66
C LYS A 17 3.61 6.41 -9.46
N VAL A 18 3.53 6.06 -8.21
CA VAL A 18 3.03 4.85 -7.69
C VAL A 18 1.63 4.53 -8.12
N TYR A 19 1.54 3.41 -8.76
CA TYR A 19 0.31 2.83 -9.15
C TYR A 19 -0.01 1.82 -8.07
N CYS A 20 -1.24 1.62 -7.81
CA CYS A 20 -1.62 0.69 -6.78
C CYS A 20 -1.68 -0.73 -7.35
N THR A 21 -2.04 -1.66 -6.53
CA THR A 21 -1.93 -3.04 -6.86
C THR A 21 -2.98 -3.64 -7.76
N ARG A 22 -2.60 -4.83 -8.12
CA ARG A 22 -3.32 -5.84 -8.89
C ARG A 22 -3.89 -6.85 -7.87
N GLU A 23 -3.62 -6.57 -6.60
CA GLU A 23 -3.94 -7.43 -5.48
C GLU A 23 -5.16 -6.85 -4.76
N SER A 24 -6.03 -7.73 -4.32
CA SER A 24 -7.29 -7.39 -3.65
C SER A 24 -7.16 -7.70 -2.15
N ASN A 25 -5.97 -7.90 -1.78
CA ASN A 25 -5.52 -8.29 -0.43
C ASN A 25 -5.89 -7.21 0.61
N PRO A 26 -6.81 -7.49 1.54
CA PRO A 26 -7.23 -6.52 2.57
C PRO A 26 -6.17 -6.36 3.67
N HIS A 27 -6.06 -5.16 4.24
CA HIS A 27 -4.99 -4.83 5.17
C HIS A 27 -5.42 -3.79 6.13
N CYS A 28 -5.22 -4.09 7.32
CA CYS A 28 -5.37 -3.18 8.38
C CYS A 28 -3.99 -2.65 8.58
N GLY A 29 -3.71 -1.51 8.04
CA GLY A 29 -2.38 -1.07 7.99
C GLY A 29 -1.95 -0.43 9.23
N SER A 30 -0.66 -0.23 9.39
CA SER A 30 -0.17 0.48 10.53
C SER A 30 -0.41 2.01 10.30
N ASP A 31 -1.09 2.28 9.15
CA ASP A 31 -1.64 3.58 8.73
C ASP A 31 -2.73 3.90 9.68
N GLY A 32 -3.16 2.87 10.35
CA GLY A 32 -4.19 2.96 11.27
C GLY A 32 -5.39 2.39 10.66
N GLN A 33 -5.50 2.62 9.40
CA GLN A 33 -6.66 2.29 8.66
C GLN A 33 -6.68 0.97 8.05
N THR A 34 -7.86 0.54 7.83
CA THR A 34 -8.08 -0.66 7.10
C THR A 34 -8.35 -0.29 5.69
N TYR A 35 -7.59 -0.84 4.83
CA TYR A 35 -7.76 -0.63 3.47
C TYR A 35 -8.25 -1.88 2.83
N GLY A 36 -9.07 -1.68 1.85
CA GLY A 36 -9.71 -2.75 1.12
C GLY A 36 -8.72 -3.66 0.45
N ASN A 37 -7.62 -3.08 -0.01
CA ASN A 37 -6.60 -3.86 -0.64
C ASN A 37 -5.26 -3.18 -0.56
N LYS A 38 -4.25 -3.88 -1.00
CA LYS A 38 -2.83 -3.46 -0.97
C LYS A 38 -2.64 -2.18 -1.77
N CYS A 39 -3.46 -2.04 -2.68
CA CYS A 39 -3.57 -0.86 -3.55
C CYS A 39 -3.80 0.37 -2.71
N ALA A 40 -4.73 0.23 -1.88
CA ALA A 40 -5.21 1.26 -1.02
C ALA A 40 -4.23 1.47 0.13
N PHE A 41 -3.63 0.42 0.56
CA PHE A 41 -2.68 0.43 1.68
C PHE A 41 -1.21 0.73 1.31
N CYS A 42 -0.78 0.50 0.10
CA CYS A 42 0.63 0.63 -0.22
C CYS A 42 1.06 2.03 -0.14
N LYS A 43 0.13 2.94 -0.40
CA LYS A 43 0.42 4.31 -0.55
C LYS A 43 0.91 4.90 0.70
N ALA A 44 0.43 4.35 1.69
CA ALA A 44 0.71 4.71 3.05
C ALA A 44 2.13 4.43 3.31
N ILE A 45 2.56 3.33 2.80
CA ILE A 45 3.88 2.87 3.02
C ILE A 45 4.80 3.73 2.24
N VAL A 46 4.40 3.90 1.05
CA VAL A 46 5.07 4.70 0.06
C VAL A 46 5.30 6.12 0.54
N LYS A 47 4.37 6.64 1.27
CA LYS A 47 4.48 7.98 1.74
C LYS A 47 5.28 8.10 2.99
N SER A 48 5.16 7.13 3.81
CA SER A 48 5.90 7.11 5.05
C SER A 48 7.37 6.75 4.80
N GLY A 49 7.66 6.09 3.69
CA GLY A 49 8.98 5.74 3.37
C GLY A 49 9.25 4.29 3.53
N GLY A 50 8.22 3.52 3.50
CA GLY A 50 8.36 2.13 3.76
C GLY A 50 8.21 1.88 5.23
N LYS A 51 8.18 2.98 5.99
CA LYS A 51 8.06 2.94 7.44
C LYS A 51 6.74 2.37 7.96
N ILE A 52 5.68 2.52 7.22
CA ILE A 52 4.43 1.86 7.62
C ILE A 52 4.45 0.42 7.16
N SER A 53 3.82 -0.40 7.93
CA SER A 53 3.75 -1.80 7.72
C SER A 53 2.32 -2.20 8.01
N LEU A 54 2.01 -3.43 7.88
CA LEU A 54 0.79 -3.91 8.14
C LEU A 54 0.58 -4.34 9.57
N LYS A 55 -0.62 -4.08 10.08
CA LYS A 55 -0.99 -4.70 11.33
C LYS A 55 -1.47 -6.08 11.01
N HIS A 56 -2.49 -6.11 10.20
CA HIS A 56 -3.24 -7.36 9.99
C HIS A 56 -3.70 -7.50 8.57
N PRO A 57 -3.68 -8.73 8.02
CA PRO A 57 -4.31 -9.01 6.75
C PRO A 57 -5.81 -9.14 6.98
N GLY A 58 -6.54 -8.19 6.49
CA GLY A 58 -7.94 -8.13 6.77
C GLY A 58 -8.26 -6.90 7.54
N LYS A 59 -9.52 -6.67 7.77
CA LYS A 59 -9.99 -5.55 8.53
C LYS A 59 -9.60 -5.51 9.96
N CYS A 60 -9.76 -4.33 10.40
CA CYS A 60 -9.91 -3.95 11.74
C CYS A 60 -11.22 -3.21 11.64
N GLN A 4 4.75 -3.95 -11.31
CA GLN A 4 5.61 -5.13 -11.44
C GLN A 4 4.77 -6.23 -11.97
N GLY A 5 5.28 -6.96 -12.95
CA GLY A 5 4.47 -7.94 -13.65
C GLY A 5 3.67 -7.20 -14.70
N GLY A 6 2.75 -6.41 -14.24
CA GLY A 6 2.01 -5.52 -15.06
C GLY A 6 2.34 -4.11 -14.66
N GLN A 7 1.90 -3.15 -15.43
CA GLN A 7 2.11 -1.77 -15.12
C GLN A 7 1.13 -1.31 -14.04
N VAL A 8 1.64 -0.64 -13.05
CA VAL A 8 0.84 -0.15 -11.97
C VAL A 8 1.54 1.11 -11.50
N ASP A 9 0.83 2.04 -10.88
CA ASP A 9 1.47 3.28 -10.54
C ASP A 9 1.29 3.73 -9.11
N CYS A 10 2.37 3.70 -8.38
CA CYS A 10 2.52 4.55 -7.21
C CYS A 10 3.62 5.51 -7.49
N GLY A 11 3.33 6.32 -8.51
CA GLY A 11 4.25 7.29 -9.09
C GLY A 11 4.59 8.42 -8.19
N GLU A 12 3.96 8.48 -7.02
CA GLU A 12 4.38 9.39 -6.03
C GLU A 12 5.78 8.97 -5.63
N PHE A 13 5.94 7.61 -5.53
CA PHE A 13 7.27 6.90 -5.46
C PHE A 13 8.23 7.50 -4.43
N GLN A 14 7.67 8.01 -3.41
CA GLN A 14 8.40 8.67 -2.31
C GLN A 14 9.35 7.75 -1.57
N ASP A 15 9.17 6.55 -1.83
CA ASP A 15 10.01 5.51 -1.47
C ASP A 15 10.02 4.61 -2.68
N THR A 16 11.12 4.05 -2.92
CA THR A 16 11.42 3.31 -4.14
C THR A 16 10.61 2.02 -4.32
N LYS A 17 10.31 1.35 -3.25
CA LYS A 17 9.62 0.06 -3.32
C LYS A 17 8.09 0.24 -3.37
N VAL A 18 7.63 1.44 -3.59
CA VAL A 18 6.22 1.71 -3.52
C VAL A 18 5.53 1.63 -4.89
N TYR A 19 4.90 0.53 -5.10
CA TYR A 19 4.06 0.24 -6.24
C TYR A 19 2.85 -0.48 -5.65
N CYS A 20 1.74 -0.44 -6.28
CA CYS A 20 0.60 -1.10 -5.75
C CYS A 20 0.14 -2.26 -6.59
N THR A 21 -0.95 -2.81 -6.17
CA THR A 21 -1.69 -3.78 -6.88
C THR A 21 -3.09 -3.53 -6.55
N ARG A 22 -3.89 -4.06 -7.33
CA ARG A 22 -5.30 -3.89 -7.24
C ARG A 22 -5.97 -5.19 -6.91
N GLU A 23 -5.26 -6.25 -7.14
CA GLU A 23 -5.87 -7.53 -7.05
C GLU A 23 -5.54 -8.26 -5.76
N SER A 24 -6.60 -8.68 -5.09
CA SER A 24 -6.58 -9.69 -4.02
C SER A 24 -5.76 -9.37 -2.75
N ASN A 25 -5.06 -8.28 -2.69
CA ASN A 25 -4.20 -8.09 -1.51
C ASN A 25 -4.72 -7.05 -0.51
N PRO A 26 -5.48 -7.44 0.52
CA PRO A 26 -5.98 -6.51 1.52
C PRO A 26 -4.91 -6.24 2.59
N HIS A 27 -4.97 -5.11 3.21
CA HIS A 27 -3.94 -4.66 4.13
C HIS A 27 -4.55 -3.79 5.12
N CYS A 28 -4.29 -4.10 6.29
CA CYS A 28 -4.59 -3.25 7.35
C CYS A 28 -3.27 -2.62 7.62
N GLY A 29 -3.07 -1.47 7.05
CA GLY A 29 -1.77 -0.90 7.06
C GLY A 29 -1.54 -0.18 8.30
N SER A 30 -0.30 0.15 8.59
CA SER A 30 0.00 0.92 9.78
C SER A 30 -0.55 2.39 9.68
N ASP A 31 -1.29 2.64 8.55
CA ASP A 31 -2.18 3.79 8.31
C ASP A 31 -3.23 3.73 9.36
N GLY A 32 -3.41 2.51 9.82
CA GLY A 32 -4.36 2.21 10.80
C GLY A 32 -5.47 1.51 10.14
N GLN A 33 -5.67 1.90 8.90
CA GLN A 33 -6.78 1.48 8.14
C GLN A 33 -6.62 0.24 7.37
N THR A 34 -7.74 -0.33 7.10
CA THR A 34 -7.81 -1.48 6.26
C THR A 34 -8.19 -1.05 4.88
N TYR A 35 -7.38 -1.42 3.97
CA TYR A 35 -7.61 -1.15 2.63
C TYR A 35 -7.77 -2.43 1.86
N GLY A 36 -8.67 -2.36 0.92
CA GLY A 36 -9.05 -3.50 0.09
C GLY A 36 -7.91 -4.11 -0.68
N ASN A 37 -6.99 -3.30 -1.15
CA ASN A 37 -5.85 -3.80 -1.85
C ASN A 37 -4.65 -2.94 -1.56
N LYS A 38 -3.53 -3.27 -2.16
CA LYS A 38 -2.28 -2.59 -1.85
C LYS A 38 -2.29 -1.17 -2.29
N CYS A 39 -2.88 -0.95 -3.37
CA CYS A 39 -3.01 0.37 -3.98
C CYS A 39 -3.75 1.31 -3.11
N ALA A 40 -4.72 0.77 -2.51
CA ALA A 40 -5.60 1.48 -1.63
C ALA A 40 -4.81 2.03 -0.41
N PHE A 41 -3.87 1.24 0.04
CA PHE A 41 -2.99 1.59 1.17
C PHE A 41 -1.66 2.20 0.70
N CYS A 42 -1.43 2.17 -0.59
CA CYS A 42 -0.15 2.55 -1.19
C CYS A 42 0.14 3.96 -0.92
N LYS A 43 -0.89 4.78 -0.95
CA LYS A 43 -0.80 6.17 -0.87
C LYS A 43 -0.30 6.64 0.41
N ALA A 44 -0.64 5.92 1.34
CA ALA A 44 -0.30 6.18 2.68
C ALA A 44 1.08 5.84 2.91
N ILE A 45 1.52 4.78 2.25
CA ILE A 45 2.86 4.33 2.42
C ILE A 45 3.71 5.40 1.97
N VAL A 46 3.27 5.91 0.87
CA VAL A 46 3.86 7.02 0.24
C VAL A 46 3.94 8.20 1.18
N LYS A 47 2.89 8.42 1.96
CA LYS A 47 2.77 9.65 2.74
C LYS A 47 3.80 9.78 3.81
N SER A 48 4.13 8.70 4.41
CA SER A 48 5.19 8.72 5.40
C SER A 48 6.49 8.11 4.86
N GLY A 49 6.68 8.21 3.56
CA GLY A 49 7.92 7.90 2.99
C GLY A 49 8.19 6.50 2.68
N GLY A 50 7.20 5.71 2.58
CA GLY A 50 7.38 4.31 2.31
C GLY A 50 7.80 3.58 3.54
N LYS A 51 7.90 4.31 4.62
CA LYS A 51 8.30 3.78 5.87
C LYS A 51 7.17 3.08 6.64
N ILE A 52 5.93 3.39 6.31
CA ILE A 52 4.79 2.69 6.94
C ILE A 52 4.81 1.20 6.57
N SER A 53 4.26 0.40 7.42
CA SER A 53 4.30 -1.01 7.28
C SER A 53 2.90 -1.53 7.37
N LEU A 54 2.73 -2.79 7.34
CA LEU A 54 1.55 -3.38 7.48
C LEU A 54 1.28 -3.85 8.90
N LYS A 55 0.05 -3.69 9.32
CA LYS A 55 -0.40 -4.28 10.58
C LYS A 55 -0.76 -5.69 10.32
N HIS A 56 -1.54 -5.86 9.32
CA HIS A 56 -2.12 -7.19 9.08
C HIS A 56 -2.48 -7.39 7.61
N PRO A 57 -2.10 -8.54 7.02
CA PRO A 57 -2.55 -8.92 5.69
C PRO A 57 -4.02 -9.29 5.78
N GLY A 58 -4.83 -8.48 5.20
CA GLY A 58 -6.24 -8.64 5.33
C GLY A 58 -6.77 -7.48 6.10
N LYS A 59 -8.00 -7.55 6.49
CA LYS A 59 -8.58 -6.54 7.28
C LYS A 59 -8.23 -6.66 8.73
N CYS A 60 -8.51 -5.62 9.41
CA CYS A 60 -8.53 -5.65 10.84
C CYS A 60 -9.97 -5.86 11.23
N GLN A 4 4.16 -6.63 -13.32
CA GLN A 4 4.76 -7.58 -14.28
C GLN A 4 5.91 -8.25 -13.61
N GLY A 5 5.70 -9.48 -13.15
CA GLY A 5 6.71 -10.14 -12.36
C GLY A 5 6.63 -9.59 -10.95
N GLY A 6 7.16 -8.41 -10.80
CA GLY A 6 7.01 -7.69 -9.57
C GLY A 6 5.75 -6.88 -9.65
N GLN A 7 4.93 -7.00 -8.65
CA GLN A 7 3.69 -6.28 -8.60
C GLN A 7 3.85 -5.09 -7.68
N VAL A 8 4.14 -3.96 -8.27
CA VAL A 8 4.41 -2.74 -7.53
C VAL A 8 3.17 -1.92 -7.31
N ASP A 9 3.10 -1.40 -6.15
CA ASP A 9 2.23 -0.32 -5.87
C ASP A 9 3.09 0.72 -5.28
N CYS A 10 2.68 1.97 -5.35
CA CYS A 10 3.45 3.04 -4.75
C CYS A 10 4.09 2.82 -3.38
N GLY A 11 3.66 1.81 -2.60
CA GLY A 11 4.21 1.61 -1.25
C GLY A 11 5.70 1.45 -1.28
N GLU A 12 6.16 0.94 -2.39
CA GLU A 12 7.52 0.71 -2.67
C GLU A 12 8.27 2.01 -3.01
N PHE A 13 7.58 2.99 -3.55
CA PHE A 13 8.22 4.12 -4.03
C PHE A 13 7.49 5.38 -3.66
N GLN A 14 7.94 5.82 -2.61
CA GLN A 14 7.75 7.06 -1.83
C GLN A 14 7.64 8.34 -2.65
N ASP A 15 7.88 8.18 -3.87
CA ASP A 15 7.89 9.19 -4.86
C ASP A 15 6.42 9.57 -5.20
N THR A 16 6.28 10.16 -6.27
CA THR A 16 5.08 10.71 -6.76
C THR A 16 4.43 9.93 -7.92
N LYS A 17 5.21 9.58 -8.94
CA LYS A 17 4.72 9.02 -10.17
C LYS A 17 4.55 7.50 -10.09
N VAL A 18 4.46 7.01 -8.89
CA VAL A 18 4.38 5.62 -8.66
C VAL A 18 2.99 5.31 -8.22
N TYR A 19 2.39 4.35 -8.81
CA TYR A 19 1.04 3.99 -8.47
C TYR A 19 0.86 2.54 -8.14
N CYS A 20 -0.34 2.25 -7.74
CA CYS A 20 -0.69 1.02 -7.16
C CYS A 20 -0.86 -0.14 -8.16
N THR A 21 -0.91 -1.33 -7.60
CA THR A 21 -1.03 -2.54 -8.34
C THR A 21 -2.47 -2.99 -8.43
N ARG A 22 -2.64 -4.02 -9.16
CA ARG A 22 -3.93 -4.62 -9.42
C ARG A 22 -4.24 -5.63 -8.33
N GLU A 23 -3.29 -5.81 -7.44
CA GLU A 23 -3.43 -6.79 -6.40
C GLU A 23 -4.51 -6.37 -5.41
N SER A 24 -5.52 -7.19 -5.30
CA SER A 24 -6.74 -6.95 -4.54
C SER A 24 -6.59 -7.40 -3.09
N ASN A 25 -5.40 -7.61 -2.71
CA ASN A 25 -5.04 -8.07 -1.35
C ASN A 25 -5.25 -6.94 -0.34
N PRO A 26 -6.26 -7.05 0.57
CA PRO A 26 -6.57 -5.99 1.54
C PRO A 26 -5.51 -5.87 2.62
N HIS A 27 -5.47 -4.73 3.27
CA HIS A 27 -4.43 -4.40 4.25
C HIS A 27 -4.96 -3.46 5.25
N CYS A 28 -4.73 -3.79 6.45
CA CYS A 28 -4.93 -2.92 7.54
C CYS A 28 -3.57 -2.57 7.98
N GLY A 29 -3.14 -1.40 7.67
CA GLY A 29 -1.81 -1.01 7.98
C GLY A 29 -1.61 -0.83 9.43
N SER A 30 -0.39 -0.69 9.81
CA SER A 30 -0.03 -0.43 11.19
C SER A 30 -0.58 0.95 11.62
N ASP A 31 -0.88 1.77 10.60
CA ASP A 31 -1.51 3.08 10.73
C ASP A 31 -2.84 2.91 11.34
N GLY A 32 -3.45 1.85 10.96
CA GLY A 32 -4.77 1.63 11.37
C GLY A 32 -5.64 1.63 10.19
N GLN A 33 -5.12 2.21 9.15
CA GLN A 33 -5.89 2.28 7.92
C GLN A 33 -6.04 1.00 7.24
N THR A 34 -7.20 0.80 6.84
CA THR A 34 -7.55 -0.37 6.10
C THR A 34 -8.03 0.04 4.77
N TYR A 35 -7.52 -0.61 3.80
CA TYR A 35 -7.99 -0.44 2.51
C TYR A 35 -8.25 -1.76 1.88
N GLY A 36 -9.01 -1.69 0.83
CA GLY A 36 -9.47 -2.84 0.08
C GLY A 36 -8.33 -3.63 -0.52
N ASN A 37 -7.21 -2.99 -0.75
CA ASN A 37 -6.06 -3.66 -1.26
C ASN A 37 -4.81 -2.86 -0.95
N LYS A 38 -3.64 -3.47 -1.15
CA LYS A 38 -2.35 -2.81 -0.89
C LYS A 38 -2.19 -1.57 -1.70
N CYS A 39 -2.69 -1.66 -2.85
CA CYS A 39 -2.78 -0.55 -3.79
C CYS A 39 -3.38 0.70 -3.14
N ALA A 40 -4.48 0.48 -2.56
CA ALA A 40 -5.31 1.50 -1.96
C ALA A 40 -4.62 2.13 -0.75
N PHE A 41 -3.87 1.33 -0.05
CA PHE A 41 -3.16 1.76 1.15
C PHE A 41 -1.70 2.18 0.86
N CYS A 42 -1.25 2.07 -0.38
CA CYS A 42 0.17 2.30 -0.70
C CYS A 42 0.57 3.64 -0.38
N LYS A 43 -0.27 4.51 -0.73
CA LYS A 43 -0.08 5.92 -0.68
C LYS A 43 0.25 6.43 0.66
N ALA A 44 -0.34 5.83 1.55
CA ALA A 44 -0.19 6.12 2.94
C ALA A 44 1.20 5.75 3.36
N ILE A 45 1.66 4.64 2.83
CA ILE A 45 2.95 4.10 3.18
C ILE A 45 4.01 4.99 2.62
N VAL A 46 3.80 5.28 1.40
CA VAL A 46 4.65 6.07 0.53
C VAL A 46 5.04 7.37 1.16
N LYS A 47 4.05 8.04 1.62
CA LYS A 47 4.22 9.37 2.11
C LYS A 47 4.78 9.41 3.48
N SER A 48 4.45 8.44 4.23
CA SER A 48 5.00 8.31 5.54
C SER A 48 6.41 7.67 5.49
N GLY A 49 6.91 7.43 4.29
CA GLY A 49 8.22 7.02 4.12
C GLY A 49 8.47 5.57 4.13
N GLY A 50 7.44 4.82 3.90
CA GLY A 50 7.57 3.38 3.89
C GLY A 50 7.68 2.84 5.29
N LYS A 51 7.66 3.75 6.26
CA LYS A 51 7.77 3.40 7.64
C LYS A 51 6.52 2.72 8.19
N ILE A 52 5.42 2.88 7.51
CA ILE A 52 4.23 2.16 7.92
C ILE A 52 4.32 0.74 7.40
N SER A 53 3.88 -0.16 8.19
CA SER A 53 3.93 -1.55 7.87
C SER A 53 2.51 -2.06 7.92
N LEU A 54 2.31 -3.30 7.67
CA LEU A 54 1.10 -3.84 7.75
C LEU A 54 0.79 -4.42 9.10
N LYS A 55 -0.45 -4.23 9.50
CA LYS A 55 -0.95 -4.85 10.64
C LYS A 55 -1.56 -6.18 10.27
N HIS A 56 -2.45 -6.14 9.35
CA HIS A 56 -3.24 -7.33 8.98
C HIS A 56 -3.42 -7.42 7.49
N PRO A 57 -3.27 -8.62 6.92
CA PRO A 57 -3.72 -8.87 5.57
C PRO A 57 -5.24 -9.01 5.67
N GLY A 58 -5.93 -8.06 5.15
CA GLY A 58 -7.34 -7.97 5.37
C GLY A 58 -7.61 -6.72 6.14
N LYS A 59 -8.83 -6.49 6.49
CA LYS A 59 -9.16 -5.35 7.27
C LYS A 59 -8.85 -5.58 8.73
N CYS A 60 -9.01 -4.54 9.47
CA CYS A 60 -9.05 -4.65 10.89
C CYS A 60 -10.51 -4.87 11.27
N GLN A 4 -1.02 -2.02 -16.52
CA GLN A 4 -1.62 -3.22 -17.10
C GLN A 4 -0.60 -4.32 -17.08
N GLY A 5 -1.03 -5.57 -17.29
CA GLY A 5 -0.11 -6.68 -17.27
C GLY A 5 0.31 -7.03 -15.86
N GLY A 6 1.57 -7.33 -15.69
CA GLY A 6 2.12 -7.63 -14.39
C GLY A 6 2.94 -6.48 -13.92
N GLN A 7 2.31 -5.58 -13.21
CA GLN A 7 2.94 -4.39 -12.77
C GLN A 7 3.34 -4.51 -11.29
N VAL A 8 4.20 -3.62 -10.84
CA VAL A 8 4.68 -3.63 -9.48
C VAL A 8 3.67 -2.88 -8.60
N ASP A 9 3.88 -2.88 -7.32
CA ASP A 9 3.11 -2.06 -6.42
C ASP A 9 4.08 -1.30 -5.53
N CYS A 10 3.86 -0.01 -5.37
CA CYS A 10 4.53 0.80 -4.33
C CYS A 10 4.41 0.22 -2.89
N GLY A 11 4.56 1.09 -1.89
CA GLY A 11 4.44 0.66 -0.52
C GLY A 11 5.80 0.46 0.00
N GLU A 12 6.43 -0.51 -0.55
CA GLU A 12 7.77 -0.82 -0.27
C GLU A 12 8.64 0.14 -1.04
N PHE A 13 8.05 0.79 -2.03
CA PHE A 13 8.77 1.56 -2.91
C PHE A 13 8.40 2.97 -2.78
N GLN A 14 9.01 3.42 -1.81
CA GLN A 14 9.15 4.76 -1.24
C GLN A 14 9.40 5.85 -2.25
N ASP A 15 9.62 5.47 -3.42
CA ASP A 15 9.74 6.39 -4.44
C ASP A 15 8.42 6.44 -5.11
N THR A 16 8.04 7.58 -5.34
CA THR A 16 6.74 7.93 -5.85
C THR A 16 6.65 7.70 -7.36
N LYS A 17 7.68 7.13 -7.92
CA LYS A 17 7.70 6.75 -9.31
C LYS A 17 6.99 5.42 -9.43
N VAL A 18 7.03 4.72 -8.34
CA VAL A 18 6.60 3.39 -8.26
C VAL A 18 5.16 3.36 -7.83
N TYR A 19 4.34 2.79 -8.65
CA TYR A 19 2.92 2.69 -8.37
C TYR A 19 2.38 1.29 -8.24
N CYS A 20 1.12 1.28 -7.89
CA CYS A 20 0.39 0.17 -7.35
C CYS A 20 -0.02 -0.92 -8.32
N THR A 21 -0.44 -2.02 -7.73
CA THR A 21 -0.95 -3.16 -8.43
C THR A 21 -2.46 -3.09 -8.59
N ARG A 22 -2.93 -4.04 -9.28
CA ARG A 22 -4.32 -4.25 -9.58
C ARG A 22 -4.93 -5.14 -8.53
N GLU A 23 -4.07 -5.81 -7.80
CA GLU A 23 -4.49 -6.74 -6.77
C GLU A 23 -5.00 -6.01 -5.55
N SER A 24 -6.15 -6.45 -5.08
CA SER A 24 -6.70 -5.87 -3.90
C SER A 24 -6.32 -6.66 -2.68
N ASN A 25 -5.45 -6.07 -1.95
CA ASN A 25 -4.90 -6.62 -0.75
C ASN A 25 -5.42 -5.83 0.47
N PRO A 26 -6.43 -6.34 1.18
CA PRO A 26 -6.97 -5.67 2.36
C PRO A 26 -6.03 -5.81 3.57
N HIS A 27 -5.66 -4.70 4.14
CA HIS A 27 -4.69 -4.60 5.23
C HIS A 27 -5.01 -3.40 6.05
N CYS A 28 -5.08 -3.64 7.29
CA CYS A 28 -5.27 -2.66 8.29
C CYS A 28 -3.90 -2.29 8.72
N GLY A 29 -3.48 -1.14 8.32
CA GLY A 29 -2.15 -0.77 8.56
C GLY A 29 -1.92 -0.45 9.99
N SER A 30 -0.69 -0.48 10.38
CA SER A 30 -0.27 -0.07 11.72
C SER A 30 -0.53 1.44 11.92
N ASP A 31 -0.92 2.07 10.85
CA ASP A 31 -1.30 3.44 10.73
C ASP A 31 -2.73 3.57 11.18
N GLY A 32 -3.35 2.43 11.36
CA GLY A 32 -4.72 2.36 11.75
C GLY A 32 -5.56 2.26 10.53
N GLN A 33 -5.07 2.87 9.50
CA GLN A 33 -5.74 2.92 8.27
C GLN A 33 -5.74 1.67 7.48
N THR A 34 -6.91 1.34 7.09
CA THR A 34 -7.16 0.14 6.35
C THR A 34 -7.25 0.45 4.88
N TYR A 35 -6.47 -0.24 4.12
CA TYR A 35 -6.51 -0.10 2.74
C TYR A 35 -7.15 -1.30 2.08
N GLY A 36 -8.05 -1.01 1.15
CA GLY A 36 -8.80 -2.02 0.42
C GLY A 36 -7.92 -2.75 -0.56
N ASN A 37 -7.08 -2.01 -1.25
CA ASN A 37 -6.12 -2.61 -2.10
C ASN A 37 -4.81 -2.02 -1.74
N LYS A 38 -3.75 -2.56 -2.23
CA LYS A 38 -2.45 -2.11 -1.80
C LYS A 38 -2.16 -0.76 -2.36
N CYS A 39 -2.64 -0.60 -3.52
CA CYS A 39 -2.63 0.63 -4.29
C CYS A 39 -3.11 1.82 -3.48
N ALA A 40 -4.16 1.56 -2.82
CA ALA A 40 -4.87 2.49 -2.00
C ALA A 40 -3.97 3.22 -1.03
N PHE A 41 -3.06 2.52 -0.41
CA PHE A 41 -2.25 3.21 0.58
C PHE A 41 -0.72 3.03 0.37
N CYS A 42 -0.31 2.27 -0.63
CA CYS A 42 1.13 1.98 -0.91
C CYS A 42 1.94 3.26 -0.97
N LYS A 43 1.52 4.13 -1.81
CA LYS A 43 2.11 5.37 -2.11
C LYS A 43 2.11 6.33 -0.99
N ALA A 44 1.24 6.12 -0.19
CA ALA A 44 1.14 6.83 1.03
C ALA A 44 2.06 6.26 2.06
N ILE A 45 2.35 4.96 1.97
CA ILE A 45 3.29 4.33 2.89
C ILE A 45 4.59 4.90 2.60
N VAL A 46 4.77 4.98 1.35
CA VAL A 46 5.85 5.65 0.68
C VAL A 46 6.03 7.06 1.18
N LYS A 47 4.92 7.72 1.39
CA LYS A 47 4.98 9.11 1.78
C LYS A 47 5.13 9.28 3.25
N SER A 48 4.61 8.36 3.96
CA SER A 48 4.78 8.34 5.37
C SER A 48 6.08 7.61 5.80
N GLY A 49 6.99 7.35 4.87
CA GLY A 49 8.26 6.85 5.23
C GLY A 49 8.39 5.37 5.30
N GLY A 50 7.37 4.69 4.96
CA GLY A 50 7.36 3.28 5.11
C GLY A 50 7.14 2.94 6.56
N LYS A 51 6.69 3.96 7.35
CA LYS A 51 6.41 3.75 8.75
C LYS A 51 5.26 2.78 8.90
N ILE A 52 4.45 2.74 7.89
CA ILE A 52 3.32 1.86 7.95
C ILE A 52 3.71 0.42 7.67
N SER A 53 3.25 -0.40 8.52
CA SER A 53 3.38 -1.82 8.48
C SER A 53 1.99 -2.36 8.71
N LEU A 54 1.82 -3.63 8.76
CA LEU A 54 0.60 -4.17 8.95
C LEU A 54 0.20 -4.53 10.39
N LYS A 55 -1.06 -4.28 10.69
CA LYS A 55 -1.71 -4.85 11.86
C LYS A 55 -2.35 -6.11 11.53
N HIS A 56 -3.16 -6.03 10.57
CA HIS A 56 -4.08 -7.12 10.27
C HIS A 56 -4.42 -7.21 8.79
N PRO A 57 -4.39 -8.42 8.20
CA PRO A 57 -4.90 -8.63 6.86
C PRO A 57 -6.43 -8.58 6.90
N GLY A 58 -6.97 -7.55 6.33
CA GLY A 58 -8.36 -7.31 6.41
C GLY A 58 -8.60 -6.04 7.16
N LYS A 59 -9.82 -5.57 7.12
CA LYS A 59 -10.22 -4.40 7.84
C LYS A 59 -10.01 -4.39 9.32
N CYS A 60 -10.07 -3.18 9.75
CA CYS A 60 -10.36 -2.77 11.08
C CYS A 60 -11.58 -1.88 10.88
#